data_6JWS
#
_entry.id   6JWS
#
_cell.length_a   100.909
_cell.length_b   136.761
_cell.length_c   138.958
_cell.angle_alpha   90.000
_cell.angle_beta   90.000
_cell.angle_gamma   90.000
#
_symmetry.space_group_name_H-M   'P 21 21 21'
#
loop_
_entity.id
_entity.type
_entity.pdbx_description
1 polymer '7,8-dihydro-6-hydroxymethylpterin pyrophosphokinase-dihydropteroate synthase'
2 non-polymer 'PTEROIC ACID'
3 non-polymer "ADENOSINE-5'-TRIPHOSPHATE"
4 non-polymer 'MAGNESIUM ION'
5 non-polymer 'CALCIUM ION'
6 non-polymer 'ACETATE ION'
7 water water
#
_entity_poly.entity_id   1
_entity_poly.type   'polypeptide(L)'
_entity_poly.pdbx_seq_one_letter_code
;METIQELILSEENKTNIAVLNLGTNDRRNAVLILETALHLVEKYLGKIINTSYLYETVPEYIVLDKKESCEKINKDCRIY
DVNYINELMQNLEESKYEENKELIDKCEEYETFLKNGKVDNSILKEVNVENYLLECNNIIVKNDEIMKNNLSKYKDKYYT
SYFYNLTVVVKTFVNDPLSMLVVIKYIEELMKRENVKEKEKFENRIIDIDILFFNDFTIFMKNIKLEKNMIYKILSKYIH
LERDIKNGNDNMSKVNMDKDINLNNNNNIKKKNNNDIDCDCVDQKMNNHVNNKNYINSFRDPQEIINNMVDNIEFLSIPH
VYTTHRYSILLCLNDMIPEYKHNVLNNTIRCLYNKYVSRMKEQYNINIKENNKRIYVLKDRISYLKEKTNIVGILNVNYD
SFSDGGIFVEPKRAVQRMFEMINEGASVIDIGGESSGPFVIPNPKISERDLVVPVLQLFQKEWNDIKNKIVKCDAKPIIS
IDTINYNVFKECVDNDLVDILNDISACTNNPEIIKLLKKKNKFYSVVLMHKRGNPHTMDKLTNYDNLVYDIKNYLEQRLN
FLVLNGIPRYRILFDIGLGFAKKHDQSIKLLQNIHVYDEYPLFIGYSRKRFIAHCMNDQNVVINTQQKLHDEQQNENKNI
VDKSHNWMFQMNYMRKDKDQLLYQKNICGGLAIASYSYYKKVDLIRVHDVLETKSVLDVLTKIDQVKDPNSSSVDKLAAA
LEHHHHHH
;
_entity_poly.pdbx_strand_id   A,B
#
# COMPACT_ATOMS: atom_id res chain seq x y z
N GLN A 5 26.60 -32.58 53.97
CA GLN A 5 25.53 -31.54 54.00
C GLN A 5 26.02 -30.27 53.30
N GLU A 6 27.30 -30.30 52.87
CA GLU A 6 27.96 -29.14 52.28
C GLU A 6 28.82 -29.58 51.09
N LEU A 7 28.18 -30.29 50.15
CA LEU A 7 28.75 -30.52 48.83
C LEU A 7 28.26 -29.40 47.91
N ILE A 8 27.31 -28.61 48.44
CA ILE A 8 26.76 -27.43 47.77
C ILE A 8 27.82 -26.33 47.75
N LEU A 9 28.58 -26.19 48.84
CA LEU A 9 29.54 -25.11 48.95
C LEU A 9 30.92 -25.58 48.49
N SER A 10 30.95 -26.69 47.76
CA SER A 10 32.16 -27.26 47.17
C SER A 10 32.87 -26.22 46.31
N GLU A 11 34.21 -26.18 46.42
CA GLU A 11 35.03 -25.16 45.78
C GLU A 11 35.49 -25.61 44.41
N GLU A 12 34.87 -26.67 43.87
CA GLU A 12 35.06 -27.10 42.50
C GLU A 12 34.44 -26.07 41.56
N ASN A 13 35.28 -25.16 41.03
CA ASN A 13 34.86 -24.13 40.11
C ASN A 13 34.35 -24.77 38.82
N LYS A 14 33.05 -24.60 38.58
CA LYS A 14 32.37 -25.28 37.49
C LYS A 14 31.72 -24.24 36.59
N THR A 15 31.46 -24.63 35.34
CA THR A 15 30.77 -23.78 34.38
C THR A 15 29.52 -24.50 33.91
N ASN A 16 28.36 -23.93 34.27
CA ASN A 16 27.10 -24.52 33.87
C ASN A 16 26.36 -23.56 32.94
N ILE A 17 25.27 -24.05 32.35
CA ILE A 17 24.39 -23.27 31.51
C ILE A 17 23.01 -23.26 32.16
N ALA A 18 22.49 -22.05 32.41
CA ALA A 18 21.14 -21.86 32.94
C ALA A 18 20.33 -20.98 31.98
N VAL A 19 19.02 -21.25 31.92
CA VAL A 19 18.09 -20.48 31.13
C VAL A 19 17.06 -19.89 32.09
N LEU A 20 16.94 -18.56 32.08
CA LEU A 20 16.09 -17.84 33.01
C LEU A 20 14.92 -17.18 32.29
N ASN A 21 13.81 -17.00 33.03
CA ASN A 21 12.70 -16.18 32.59
C ASN A 21 12.64 -14.98 33.51
N LEU A 22 12.61 -13.77 32.94
CA LEU A 22 12.43 -12.56 33.72
C LEU A 22 11.04 -12.02 33.38
N GLY A 23 10.25 -11.69 34.41
CA GLY A 23 8.89 -11.20 34.23
C GLY A 23 8.55 -10.04 35.16
N THR A 24 7.75 -9.10 34.65
CA THR A 24 7.23 -7.99 35.43
C THR A 24 5.85 -7.64 34.89
N ASN A 25 5.08 -6.87 35.67
CA ASN A 25 3.74 -6.49 35.25
C ASN A 25 3.64 -4.98 35.14
N ASP A 26 4.72 -4.27 35.51
CA ASP A 26 4.74 -2.82 35.41
C ASP A 26 5.18 -2.39 34.01
N ARG A 27 4.21 -1.96 33.20
CA ARG A 27 4.41 -1.59 31.81
C ARG A 27 5.29 -0.35 31.72
N ARG A 28 5.05 0.61 32.60
CA ARG A 28 5.68 1.92 32.50
C ARG A 28 7.18 1.79 32.76
N ASN A 29 7.57 0.86 33.65
CA ASN A 29 8.97 0.71 34.01
C ASN A 29 9.52 -0.66 33.60
N ALA A 30 8.84 -1.36 32.69
CA ALA A 30 9.20 -2.73 32.35
C ALA A 30 10.68 -2.84 31.96
N VAL A 31 11.17 -1.85 31.21
CA VAL A 31 12.50 -1.90 30.64
C VAL A 31 13.52 -1.71 31.76
N LEU A 32 13.30 -0.69 32.60
CA LEU A 32 14.22 -0.41 33.68
C LEU A 32 14.31 -1.60 34.63
N ILE A 33 13.15 -2.22 34.90
CA ILE A 33 13.03 -3.31 35.86
C ILE A 33 13.73 -4.55 35.32
N LEU A 34 13.41 -4.95 34.08
CA LEU A 34 13.97 -6.16 33.49
C LEU A 34 15.46 -6.00 33.21
N GLU A 35 15.88 -4.80 32.79
CA GLU A 35 17.29 -4.58 32.49
C GLU A 35 18.08 -4.47 33.78
N THR A 36 17.45 -3.91 34.84
CA THR A 36 18.07 -3.93 36.16
C THR A 36 18.39 -5.37 36.52
N ALA A 37 17.41 -6.27 36.33
CA ALA A 37 17.57 -7.69 36.60
C ALA A 37 18.70 -8.28 35.74
N LEU A 38 18.77 -7.94 34.44
CA LEU A 38 19.86 -8.41 33.58
C LEU A 38 21.23 -8.02 34.15
N HIS A 39 21.36 -6.75 34.55
CA HIS A 39 22.60 -6.27 35.13
C HIS A 39 22.98 -7.11 36.34
N LEU A 40 21.97 -7.46 37.17
CA LEU A 40 22.23 -8.15 38.42
C LEU A 40 22.55 -9.62 38.15
N VAL A 41 21.98 -10.15 37.07
CA VAL A 41 22.32 -11.49 36.60
C VAL A 41 23.78 -11.51 36.13
N GLU A 42 24.18 -10.49 35.35
CA GLU A 42 25.53 -10.44 34.81
C GLU A 42 26.52 -10.28 35.96
N LYS A 43 26.10 -9.53 36.99
CA LYS A 43 26.98 -9.26 38.13
C LYS A 43 27.11 -10.49 39.02
N TYR A 44 25.98 -11.16 39.29
CA TYR A 44 25.91 -12.11 40.38
C TYR A 44 25.89 -13.57 39.91
N LEU A 45 25.58 -13.85 38.63
CA LEU A 45 25.33 -15.22 38.22
C LEU A 45 26.31 -15.73 37.15
N GLY A 46 26.85 -14.85 36.32
CA GLY A 46 27.82 -15.27 35.32
C GLY A 46 27.74 -14.39 34.08
N LYS A 47 27.71 -15.01 32.89
CA LYS A 47 27.75 -14.26 31.66
C LYS A 47 26.50 -14.54 30.82
N ILE A 48 25.80 -13.45 30.41
CA ILE A 48 24.70 -13.56 29.47
C ILE A 48 25.25 -13.76 28.06
N ILE A 49 24.79 -14.83 27.40
CA ILE A 49 25.26 -15.23 26.08
C ILE A 49 24.06 -15.43 25.14
N ASN A 50 22.85 -15.10 25.62
CA ASN A 50 21.71 -15.14 24.73
C ASN A 50 20.53 -14.46 25.40
N THR A 51 19.68 -13.80 24.60
CA THR A 51 18.50 -13.14 25.10
C THR A 51 17.41 -13.28 24.05
N SER A 52 16.15 -13.23 24.50
CA SER A 52 15.02 -13.23 23.59
C SER A 52 14.63 -11.78 23.33
N TYR A 53 13.63 -11.55 22.47
CA TYR A 53 12.98 -10.25 22.46
C TYR A 53 12.25 -10.07 23.78
N LEU A 54 11.89 -8.81 24.06
CA LEU A 54 10.92 -8.44 25.07
C LEU A 54 9.51 -8.64 24.50
N TYR A 55 8.57 -9.11 25.34
CA TYR A 55 7.18 -9.32 24.91
C TYR A 55 6.16 -8.78 25.92
N GLU A 56 5.09 -8.19 25.37
CA GLU A 56 3.92 -7.83 26.15
C GLU A 56 2.93 -8.98 26.00
N THR A 57 2.62 -9.62 27.12
CA THR A 57 1.89 -10.86 27.01
C THR A 57 0.62 -10.80 27.85
N VAL A 58 -0.47 -11.31 27.27
CA VAL A 58 -1.75 -11.44 27.95
C VAL A 58 -1.86 -12.87 28.48
N PRO A 59 -2.02 -13.05 29.82
CA PRO A 59 -1.87 -14.37 30.46
C PRO A 59 -2.94 -15.43 30.13
N VAL A 82 10.34 2.89 42.04
CA VAL A 82 10.13 3.74 40.84
C VAL A 82 11.46 4.36 40.40
N ASN A 83 12.23 4.83 41.39
CA ASN A 83 13.49 5.53 41.14
C ASN A 83 14.50 5.20 42.24
N TYR A 84 14.09 4.36 43.20
CA TYR A 84 14.99 3.86 44.23
C TYR A 84 15.89 2.79 43.62
N ILE A 85 15.54 2.34 42.42
CA ILE A 85 16.34 1.40 41.64
C ILE A 85 17.69 2.06 41.35
N ASN A 86 17.66 3.35 41.01
CA ASN A 86 18.86 4.11 40.71
C ASN A 86 19.81 4.11 41.90
N GLU A 87 19.24 4.28 43.10
CA GLU A 87 19.99 4.24 44.35
C GLU A 87 20.59 2.85 44.57
N LEU A 88 19.74 1.82 44.53
CA LEU A 88 20.18 0.44 44.66
C LEU A 88 21.45 0.19 43.84
N MET A 89 21.41 0.55 42.55
CA MET A 89 22.51 0.24 41.64
C MET A 89 23.82 0.93 42.07
N GLN A 90 23.74 1.97 42.90
CA GLN A 90 24.94 2.70 43.31
C GLN A 90 25.63 2.02 44.50
N ASN A 91 24.91 1.17 45.23
CA ASN A 91 25.41 0.63 46.49
C ASN A 91 25.29 -0.89 46.54
N LEU A 92 25.72 -1.57 45.47
CA LEU A 92 25.62 -3.02 45.42
C LEU A 92 26.83 -3.62 46.12
N GLU A 93 26.61 -4.76 46.76
CA GLU A 93 27.71 -5.57 47.22
C GLU A 93 28.41 -6.17 46.00
N GLU A 94 29.74 -6.27 46.05
CA GLU A 94 30.54 -6.85 44.98
C GLU A 94 30.31 -8.36 44.92
N SER A 95 30.37 -8.91 43.70
CA SER A 95 30.46 -10.34 43.47
C SER A 95 31.85 -10.81 43.85
N LYS A 96 32.00 -12.11 44.12
CA LYS A 96 33.30 -12.71 44.39
C LYS A 96 33.86 -13.29 43.09
N TYR A 97 33.08 -13.21 42.00
CA TYR A 97 33.54 -13.75 40.74
C TYR A 97 33.85 -12.61 39.76
N GLU A 98 34.82 -12.86 38.87
CA GLU A 98 35.33 -11.81 38.00
C GLU A 98 34.39 -11.58 36.81
N GLU A 99 34.47 -10.37 36.25
CA GLU A 99 33.72 -9.97 35.09
C GLU A 99 34.68 -9.70 33.91
N ASN A 100 34.76 -10.62 32.94
CA ASN A 100 35.61 -10.50 31.76
C ASN A 100 34.84 -9.95 30.56
N LYS A 101 35.34 -8.87 29.94
CA LYS A 101 34.57 -8.25 28.87
C LYS A 101 35.08 -8.60 27.48
N GLU A 102 36.20 -9.35 27.36
CA GLU A 102 36.73 -9.58 26.03
C GLU A 102 35.65 -10.23 25.18
N LEU A 103 35.66 -9.92 23.88
CA LEU A 103 34.68 -10.51 22.99
C LEU A 103 34.98 -12.00 22.86
N ILE A 104 33.92 -12.81 22.78
CA ILE A 104 34.04 -14.22 22.46
C ILE A 104 33.34 -14.44 21.13
N ASP A 105 33.73 -15.53 20.45
CA ASP A 105 33.10 -15.88 19.20
C ASP A 105 32.40 -17.23 19.31
N LYS A 106 32.63 -17.93 20.45
CA LYS A 106 32.11 -19.26 20.70
C LYS A 106 32.00 -19.50 22.20
N CYS A 107 31.08 -20.38 22.62
CA CYS A 107 31.02 -20.88 23.98
C CYS A 107 30.77 -22.39 23.97
N GLU A 108 31.80 -23.16 24.34
CA GLU A 108 31.79 -24.61 24.24
C GLU A 108 30.68 -25.22 25.09
N GLU A 109 30.57 -24.76 26.34
CA GLU A 109 29.58 -25.30 27.25
C GLU A 109 28.18 -25.06 26.69
N TYR A 110 28.00 -23.91 26.03
CA TYR A 110 26.71 -23.60 25.45
C TYR A 110 26.39 -24.58 24.33
N GLU A 111 27.37 -24.85 23.46
CA GLU A 111 27.16 -25.78 22.37
C GLU A 111 26.84 -27.15 22.94
N THR A 112 27.50 -27.50 24.05
CA THR A 112 27.26 -28.76 24.71
C THR A 112 25.81 -28.81 25.15
N PHE A 113 25.33 -27.68 25.68
CA PHE A 113 23.98 -27.59 26.20
C PHE A 113 22.96 -27.68 25.06
N LEU A 114 23.25 -27.03 23.92
CA LEU A 114 22.32 -27.01 22.79
C LEU A 114 22.09 -28.42 22.25
N LYS A 115 23.17 -29.20 22.06
CA LYS A 115 23.03 -30.63 21.92
C LYS A 115 22.66 -31.16 23.31
N ASN A 116 22.44 -32.45 23.48
CA ASN A 116 22.40 -32.93 24.85
C ASN A 116 23.72 -33.63 25.15
N GLY A 117 24.80 -32.86 24.99
CA GLY A 117 26.15 -33.33 25.23
C GLY A 117 26.33 -33.75 26.69
N LYS A 118 27.45 -34.42 26.95
CA LYS A 118 27.77 -34.98 28.25
C LYS A 118 28.23 -33.87 29.18
N VAL A 119 27.58 -33.78 30.35
CA VAL A 119 27.98 -32.84 31.38
C VAL A 119 28.11 -33.57 32.72
N ASP A 120 28.82 -32.95 33.67
CA ASP A 120 28.98 -33.45 35.03
C ASP A 120 27.62 -33.76 35.63
N ASN A 121 27.59 -34.79 36.49
CA ASN A 121 26.38 -35.20 37.19
C ASN A 121 25.91 -34.07 38.11
N SER A 122 24.59 -33.96 38.21
CA SER A 122 23.91 -33.02 39.08
C SER A 122 24.29 -33.28 40.53
N ILE A 123 24.56 -32.22 41.29
CA ILE A 123 24.84 -32.39 42.69
C ILE A 123 23.54 -32.50 43.47
N LEU A 124 22.44 -32.00 42.89
CA LEU A 124 21.11 -32.21 43.42
C LEU A 124 20.53 -33.49 42.80
N LYS A 125 19.83 -34.26 43.64
CA LYS A 125 19.24 -35.53 43.25
C LYS A 125 18.19 -35.30 42.16
N GLU A 126 18.26 -36.14 41.12
CA GLU A 126 17.35 -36.05 39.98
C GLU A 126 16.15 -36.99 40.19
N VAL A 127 15.04 -36.67 39.50
CA VAL A 127 13.89 -37.55 39.33
C VAL A 127 13.82 -37.97 37.87
N ASN A 128 13.14 -39.09 37.58
CA ASN A 128 12.91 -39.53 36.22
C ASN A 128 11.71 -38.79 35.63
N VAL A 129 11.49 -39.05 34.32
CA VAL A 129 10.53 -38.33 33.49
C VAL A 129 9.13 -38.47 34.07
N GLU A 130 8.75 -39.72 34.37
CA GLU A 130 7.42 -40.09 34.86
C GLU A 130 7.12 -39.33 36.14
N ASN A 131 8.06 -39.39 37.11
CA ASN A 131 7.92 -38.71 38.38
C ASN A 131 7.80 -37.20 38.16
N TYR A 132 8.70 -36.67 37.33
CA TYR A 132 8.70 -35.25 37.00
C TYR A 132 7.35 -34.87 36.41
N LEU A 133 6.92 -35.62 35.39
CA LEU A 133 5.66 -35.29 34.73
C LEU A 133 4.52 -35.37 35.73
N LEU A 134 4.62 -36.30 36.68
CA LEU A 134 3.56 -36.53 37.65
C LEU A 134 3.51 -35.37 38.63
N GLU A 135 4.68 -34.99 39.15
CA GLU A 135 4.78 -33.92 40.14
C GLU A 135 4.44 -32.57 39.51
N CYS A 136 4.84 -32.37 38.24
CA CYS A 136 4.52 -31.14 37.56
C CYS A 136 3.00 -31.00 37.38
N ASN A 137 2.38 -32.06 36.88
CA ASN A 137 0.93 -32.09 36.67
C ASN A 137 0.21 -31.83 37.99
N ASN A 138 0.77 -32.35 39.09
CA ASN A 138 0.21 -32.14 40.42
C ASN A 138 0.18 -30.66 40.78
N ILE A 139 1.29 -29.95 40.51
CA ILE A 139 1.40 -28.53 40.80
C ILE A 139 0.42 -27.74 39.92
N ILE A 140 0.27 -28.17 38.66
CA ILE A 140 -0.56 -27.39 37.74
C ILE A 140 -2.02 -27.46 38.19
N VAL A 141 -2.52 -28.67 38.45
CA VAL A 141 -3.94 -28.86 38.75
C VAL A 141 -4.29 -28.12 40.05
N LYS A 142 -3.43 -28.26 41.06
CA LYS A 142 -3.56 -27.57 42.33
C LYS A 142 -3.65 -26.05 42.13
N ASN A 143 -3.05 -25.56 41.03
CA ASN A 143 -3.00 -24.13 40.74
C ASN A 143 -4.20 -23.71 39.87
N ASP A 144 -4.67 -24.64 39.02
CA ASP A 144 -5.76 -24.38 38.09
C ASP A 144 -7.04 -23.97 38.82
N GLU A 145 -7.22 -24.49 40.05
CA GLU A 145 -8.47 -24.32 40.78
C GLU A 145 -8.34 -23.22 41.83
N ILE A 146 -7.10 -22.82 42.16
CA ILE A 146 -6.87 -21.69 43.06
C ILE A 146 -7.29 -20.41 42.33
N MET A 147 -6.93 -20.32 41.04
CA MET A 147 -7.25 -19.18 40.21
C MET A 147 -8.75 -19.16 39.89
N LYS A 148 -9.38 -20.35 39.93
CA LYS A 148 -10.81 -20.47 39.72
C LYS A 148 -11.52 -20.58 41.09
N SER A 161 -4.33 -7.41 33.62
CA SER A 161 -3.00 -6.73 33.51
C SER A 161 -2.06 -7.53 32.62
N TYR A 162 -1.18 -6.80 31.91
CA TYR A 162 -0.23 -7.39 30.98
C TYR A 162 1.05 -7.80 31.69
N PHE A 163 1.70 -8.85 31.17
CA PHE A 163 3.04 -9.22 31.59
C PHE A 163 4.07 -8.85 30.53
N TYR A 164 5.25 -8.42 31.01
CA TYR A 164 6.42 -8.13 30.20
C TYR A 164 7.49 -9.17 30.51
N ASN A 165 7.87 -9.94 29.48
CA ASN A 165 8.66 -11.15 29.61
C ASN A 165 9.94 -11.08 28.78
N LEU A 166 10.96 -11.84 29.21
CA LEU A 166 12.24 -11.91 28.53
C LEU A 166 12.96 -13.14 29.08
N THR A 167 13.49 -13.98 28.20
CA THR A 167 14.40 -15.03 28.62
C THR A 167 15.87 -14.65 28.34
N VAL A 168 16.77 -15.25 29.13
CA VAL A 168 18.22 -15.10 29.01
C VAL A 168 18.87 -16.47 29.20
N VAL A 169 19.95 -16.72 28.45
CA VAL A 169 20.87 -17.82 28.70
C VAL A 169 22.08 -17.26 29.45
N VAL A 170 22.43 -17.91 30.56
CA VAL A 170 23.52 -17.49 31.41
C VAL A 170 24.52 -18.64 31.53
N LYS A 171 25.78 -18.37 31.18
CA LYS A 171 26.87 -19.27 31.50
C LYS A 171 27.25 -18.93 32.94
N THR A 172 27.01 -19.88 33.86
CA THR A 172 26.99 -19.50 35.27
C THR A 172 28.10 -20.20 36.04
N PHE A 173 28.66 -19.49 37.02
CA PHE A 173 29.64 -20.07 37.94
C PHE A 173 28.93 -20.67 39.17
N VAL A 174 27.59 -20.60 39.20
CA VAL A 174 26.84 -21.18 40.30
C VAL A 174 26.76 -22.71 40.13
N ASN A 175 27.02 -23.42 41.23
CA ASN A 175 27.27 -24.85 41.26
C ASN A 175 26.02 -25.64 40.86
N ASP A 176 24.85 -25.15 41.27
CA ASP A 176 23.63 -25.94 41.17
C ASP A 176 22.43 -25.00 41.14
N PRO A 177 21.29 -25.48 40.57
CA PRO A 177 20.07 -24.70 40.51
C PRO A 177 19.44 -24.22 41.82
N LEU A 178 19.69 -24.92 42.93
CA LEU A 178 19.17 -24.45 44.22
C LEU A 178 20.00 -23.29 44.73
N SER A 179 21.33 -23.37 44.61
CA SER A 179 22.16 -22.22 44.92
C SER A 179 21.75 -21.02 44.06
N MET A 180 21.49 -21.28 42.77
CA MET A 180 21.11 -20.22 41.86
C MET A 180 19.80 -19.59 42.31
N LEU A 181 18.81 -20.42 42.70
CA LEU A 181 17.55 -19.86 43.19
C LEU A 181 17.77 -18.98 44.42
N VAL A 182 18.67 -19.39 45.31
CA VAL A 182 18.95 -18.58 46.49
C VAL A 182 19.45 -17.20 46.04
N VAL A 183 20.46 -17.18 45.18
CA VAL A 183 20.99 -15.92 44.68
C VAL A 183 19.92 -15.10 43.96
N ILE A 184 19.04 -15.77 43.20
CA ILE A 184 17.97 -15.09 42.50
C ILE A 184 16.98 -14.43 43.48
N LYS A 185 16.67 -15.11 44.60
CA LYS A 185 15.69 -14.60 45.54
C LYS A 185 16.26 -13.36 46.23
N TYR A 186 17.59 -13.34 46.36
CA TYR A 186 18.31 -12.20 46.86
C TYR A 186 18.15 -11.02 45.89
N ILE A 187 18.37 -11.31 44.60
CA ILE A 187 18.23 -10.29 43.56
C ILE A 187 16.82 -9.70 43.61
N GLU A 188 15.81 -10.58 43.70
CA GLU A 188 14.42 -10.12 43.78
C GLU A 188 14.20 -9.23 45.01
N GLU A 189 14.85 -9.57 46.13
CA GLU A 189 14.69 -8.84 47.38
C GLU A 189 15.36 -7.46 47.29
N LEU A 190 16.60 -7.42 46.75
CA LEU A 190 17.30 -6.18 46.46
C LEU A 190 16.41 -5.22 45.64
N MET A 191 15.64 -5.76 44.70
CA MET A 191 14.81 -4.92 43.86
C MET A 191 13.51 -4.57 44.59
N LYS A 192 13.27 -5.25 45.73
CA LYS A 192 12.26 -4.97 46.76
C LYS A 192 10.89 -5.54 46.34
N ILE A 206 6.97 -7.04 41.53
CA ILE A 206 7.91 -6.12 40.83
C ILE A 206 8.74 -6.90 39.80
N ILE A 207 9.30 -8.05 40.21
CA ILE A 207 10.10 -8.88 39.33
C ILE A 207 9.96 -10.34 39.74
N ASP A 208 9.78 -11.23 38.76
CA ASP A 208 9.79 -12.67 38.95
C ASP A 208 10.84 -13.28 38.03
N ILE A 209 11.82 -13.98 38.59
CA ILE A 209 12.91 -14.59 37.84
C ILE A 209 12.88 -16.10 38.07
N ASP A 210 12.56 -16.85 37.01
CA ASP A 210 12.47 -18.30 37.10
C ASP A 210 13.67 -18.98 36.45
N ILE A 211 13.99 -20.19 36.91
CA ILE A 211 14.99 -21.00 36.24
C ILE A 211 14.24 -21.98 35.37
N LEU A 212 14.34 -21.80 34.05
CA LEU A 212 13.65 -22.68 33.13
C LEU A 212 14.46 -23.97 32.95
N PHE A 213 15.77 -23.85 32.70
CA PHE A 213 16.61 -25.02 32.53
C PHE A 213 17.92 -24.77 33.26
N PHE A 214 18.54 -25.86 33.68
CA PHE A 214 19.87 -25.83 34.29
C PHE A 214 20.58 -27.08 33.83
N ASN A 215 21.53 -26.93 32.91
CA ASN A 215 22.13 -28.05 32.17
C ASN A 215 21.03 -28.96 31.66
N ASP A 216 21.30 -30.28 31.63
CA ASP A 216 20.33 -31.26 31.16
C ASP A 216 19.56 -31.90 32.33
N PHE A 217 19.56 -31.26 33.50
CA PHE A 217 19.05 -31.87 34.72
C PHE A 217 17.52 -31.92 34.74
N THR A 218 16.97 -33.00 35.33
CA THR A 218 15.56 -33.12 35.69
C THR A 218 15.44 -33.27 37.20
N ILE A 219 14.85 -32.28 37.88
CA ILE A 219 14.87 -32.22 39.33
C ILE A 219 13.46 -31.85 39.82
N PHE A 220 12.96 -32.57 40.83
CA PHE A 220 11.77 -32.15 41.56
C PHE A 220 11.94 -32.41 43.06
N MET A 221 12.25 -31.33 43.79
CA MET A 221 12.53 -31.41 45.21
C MET A 221 11.38 -30.74 45.94
N LYS A 222 10.77 -31.49 46.89
CA LYS A 222 9.44 -31.21 47.39
C LYS A 222 9.47 -30.22 48.55
N ASN A 223 10.13 -30.58 49.65
CA ASN A 223 9.84 -29.88 50.89
C ASN A 223 11.09 -29.15 51.36
N ILE A 224 11.48 -28.12 50.60
CA ILE A 224 12.75 -27.47 50.81
C ILE A 224 12.66 -26.58 52.04
N LYS A 225 13.50 -26.90 53.02
CA LYS A 225 13.75 -25.99 54.13
C LYS A 225 15.25 -25.70 54.17
N LEU A 226 15.56 -24.40 54.16
CA LEU A 226 16.92 -23.92 54.22
C LEU A 226 17.03 -23.03 55.46
N GLU A 227 17.90 -23.44 56.40
CA GLU A 227 18.23 -22.65 57.56
C GLU A 227 18.81 -21.31 57.10
N LYS A 228 18.49 -20.23 57.84
CA LYS A 228 18.87 -18.88 57.43
C LYS A 228 20.39 -18.73 57.40
N ASN A 229 21.10 -19.62 58.09
CA ASN A 229 22.56 -19.62 58.12
C ASN A 229 23.09 -20.27 56.84
N MET A 230 22.29 -21.19 56.27
CA MET A 230 22.67 -21.87 55.05
C MET A 230 22.49 -20.94 53.85
N ILE A 231 21.48 -20.06 53.89
CA ILE A 231 21.21 -19.08 52.85
C ILE A 231 22.34 -18.04 52.87
N TYR A 232 22.72 -17.62 54.07
CA TYR A 232 23.82 -16.71 54.24
C TYR A 232 25.09 -17.33 53.67
N LYS A 233 25.26 -18.65 53.86
CA LYS A 233 26.50 -19.28 53.48
C LYS A 233 26.58 -19.42 51.97
N ILE A 234 25.41 -19.60 51.35
CA ILE A 234 25.36 -19.73 49.90
C ILE A 234 25.63 -18.36 49.30
N LEU A 235 24.94 -17.33 49.82
CA LEU A 235 25.10 -15.96 49.36
C LEU A 235 26.56 -15.54 49.43
N SER A 236 27.22 -15.82 50.56
CA SER A 236 28.59 -15.44 50.85
C SER A 236 29.57 -16.15 49.91
N LYS A 237 29.17 -17.30 49.37
CA LYS A 237 30.03 -17.99 48.44
C LYS A 237 30.17 -17.19 47.13
N TYR A 238 29.16 -16.37 46.81
CA TYR A 238 29.12 -15.70 45.51
C TYR A 238 29.16 -14.18 45.66
N ILE A 239 28.91 -13.66 46.87
CA ILE A 239 28.79 -12.22 47.09
C ILE A 239 29.53 -11.82 48.36
N HIS A 240 30.32 -10.72 48.29
CA HIS A 240 30.91 -10.08 49.45
C HIS A 240 29.83 -9.38 50.27
N LEU A 241 29.16 -10.14 51.16
CA LEU A 241 28.09 -9.57 51.95
C LEU A 241 28.68 -8.64 53.01
N GLU A 242 28.24 -7.38 52.99
CA GLU A 242 28.83 -6.33 53.81
C GLU A 242 28.15 -6.30 55.18
N ASP A 301 21.22 -3.31 53.34
CA ASP A 301 21.55 -4.27 54.44
C ASP A 301 21.12 -5.67 54.01
N PRO A 302 21.88 -6.74 54.38
CA PRO A 302 21.54 -8.11 54.02
C PRO A 302 20.70 -8.93 55.00
N GLN A 303 20.84 -8.67 56.31
CA GLN A 303 20.43 -9.62 57.34
C GLN A 303 18.93 -9.55 57.63
N GLU A 304 18.29 -8.42 57.32
CA GLU A 304 16.84 -8.36 57.41
C GLU A 304 16.23 -8.55 56.02
N ILE A 305 16.99 -9.24 55.15
CA ILE A 305 16.54 -9.62 53.82
C ILE A 305 16.50 -11.14 53.73
N ILE A 306 17.45 -11.80 54.39
CA ILE A 306 17.58 -13.25 54.38
C ILE A 306 16.32 -13.90 54.94
N ASN A 307 15.71 -13.29 55.95
CA ASN A 307 14.57 -13.88 56.65
C ASN A 307 13.34 -13.91 55.75
N ASN A 308 13.20 -12.90 54.87
CA ASN A 308 12.17 -12.85 53.83
C ASN A 308 12.28 -14.08 52.94
N MET A 309 13.53 -14.45 52.62
CA MET A 309 13.88 -15.45 51.62
C MET A 309 13.54 -16.85 52.13
N VAL A 310 13.60 -17.05 53.45
CA VAL A 310 13.44 -18.35 54.07
C VAL A 310 12.08 -18.95 53.69
N ASP A 311 11.05 -18.08 53.63
CA ASP A 311 9.70 -18.47 53.25
C ASP A 311 9.67 -18.96 51.79
N ASN A 312 10.51 -18.36 50.95
CA ASN A 312 10.26 -18.26 49.52
C ASN A 312 10.45 -19.59 48.79
N ILE A 313 11.57 -20.27 49.04
CA ILE A 313 11.87 -21.51 48.32
C ILE A 313 11.18 -22.68 49.02
N GLU A 314 10.04 -23.08 48.45
CA GLU A 314 9.24 -24.18 48.97
C GLU A 314 9.70 -25.47 48.29
N PHE A 315 9.88 -25.40 46.96
CA PHE A 315 10.26 -26.53 46.12
C PHE A 315 11.11 -26.04 44.96
N LEU A 316 11.77 -26.98 44.26
CA LEU A 316 12.56 -26.67 43.09
C LEU A 316 12.28 -27.67 41.98
N SER A 317 11.70 -27.18 40.87
CA SER A 317 11.49 -27.96 39.67
C SER A 317 12.37 -27.49 38.53
N ILE A 318 13.14 -28.41 37.93
CA ILE A 318 13.91 -28.18 36.72
C ILE A 318 13.60 -29.32 35.74
N PRO A 319 13.05 -29.06 34.52
CA PRO A 319 12.61 -27.73 34.09
C PRO A 319 11.54 -27.09 34.97
N HIS A 320 11.37 -25.77 34.83
CA HIS A 320 10.31 -25.07 35.53
C HIS A 320 8.95 -25.65 35.14
N VAL A 321 8.05 -25.76 36.13
CA VAL A 321 6.78 -26.46 35.99
C VAL A 321 6.09 -26.01 34.72
N TYR A 322 6.11 -24.69 34.48
CA TYR A 322 5.25 -24.05 33.51
C TYR A 322 5.92 -23.89 32.14
N THR A 323 7.17 -24.35 32.02
CA THR A 323 8.00 -24.14 30.84
C THR A 323 7.18 -24.37 29.57
N THR A 324 6.51 -25.52 29.50
CA THR A 324 5.92 -26.03 28.28
C THR A 324 4.44 -25.64 28.21
N HIS A 325 3.98 -24.90 29.23
CA HIS A 325 2.55 -24.65 29.43
C HIS A 325 2.19 -23.18 29.26
N ARG A 326 3.16 -22.27 29.36
CA ARG A 326 2.90 -20.85 29.12
C ARG A 326 3.41 -20.46 27.74
N TYR A 327 2.54 -19.81 26.96
CA TYR A 327 2.88 -19.37 25.62
C TYR A 327 4.04 -18.38 25.71
N SER A 328 3.93 -17.43 26.63
CA SER A 328 4.93 -16.40 26.81
C SER A 328 6.33 -16.99 26.97
N ILE A 329 6.43 -18.16 27.61
CA ILE A 329 7.72 -18.78 27.85
C ILE A 329 8.26 -19.35 26.54
N LEU A 330 7.43 -20.13 25.84
CA LEU A 330 7.77 -20.76 24.58
C LEU A 330 8.10 -19.71 23.53
N LEU A 331 7.43 -18.56 23.61
CA LEU A 331 7.62 -17.45 22.68
C LEU A 331 9.04 -16.91 22.83
N CYS A 332 9.48 -16.69 24.08
CA CYS A 332 10.83 -16.23 24.36
C CYS A 332 11.86 -17.29 23.97
N LEU A 333 11.65 -18.53 24.41
CA LEU A 333 12.61 -19.60 24.16
C LEU A 333 12.80 -19.86 22.67
N ASN A 334 11.75 -19.62 21.88
CA ASN A 334 11.80 -19.85 20.45
C ASN A 334 12.75 -18.87 19.77
N ASP A 335 12.89 -17.66 20.33
CA ASP A 335 13.85 -16.70 19.81
C ASP A 335 15.27 -17.20 19.97
N MET A 336 15.57 -17.93 21.08
CA MET A 336 16.94 -18.12 21.56
C MET A 336 17.44 -19.50 21.16
N ILE A 337 16.63 -20.53 21.47
CA ILE A 337 17.10 -21.90 21.38
C ILE A 337 16.00 -22.75 20.73
N PRO A 338 15.59 -22.41 19.48
CA PRO A 338 14.47 -23.12 18.84
C PRO A 338 14.67 -24.64 18.67
N GLU A 339 15.93 -25.08 18.55
CA GLU A 339 16.25 -26.45 18.20
C GLU A 339 16.45 -27.32 19.45
N TYR A 340 16.36 -26.72 20.64
CA TYR A 340 16.71 -27.37 21.88
C TYR A 340 15.61 -28.36 22.28
N LYS A 341 16.01 -29.57 22.67
CA LYS A 341 15.07 -30.55 23.20
C LYS A 341 15.60 -31.10 24.53
N HIS A 342 14.93 -30.75 25.63
CA HIS A 342 15.23 -31.33 26.92
C HIS A 342 14.63 -32.73 27.02
N ASN A 343 15.23 -33.60 27.86
CA ASN A 343 14.84 -34.99 28.04
C ASN A 343 13.34 -35.15 28.31
N VAL A 344 12.76 -34.14 28.96
CA VAL A 344 11.45 -34.23 29.59
C VAL A 344 10.40 -33.61 28.67
N LEU A 345 10.83 -33.22 27.46
CA LEU A 345 9.96 -32.58 26.47
C LEU A 345 9.77 -33.49 25.26
N ASN A 346 8.56 -33.44 24.67
CA ASN A 346 8.17 -34.33 23.58
C ASN A 346 8.87 -33.94 22.29
N ASN A 347 9.03 -32.63 22.10
CA ASN A 347 9.57 -32.05 20.88
C ASN A 347 10.52 -30.92 21.25
N THR A 348 11.27 -30.44 20.25
CA THR A 348 12.09 -29.24 20.36
C THR A 348 11.22 -28.05 20.72
N ILE A 349 11.89 -26.99 21.21
CA ILE A 349 11.26 -25.71 21.52
C ILE A 349 10.41 -25.20 20.36
N ARG A 350 10.97 -25.17 19.13
CA ARG A 350 10.26 -24.63 17.99
C ARG A 350 8.97 -25.41 17.72
N CYS A 351 9.03 -26.75 17.75
CA CYS A 351 7.85 -27.56 17.52
C CYS A 351 6.80 -27.27 18.59
N LEU A 352 7.20 -27.32 19.87
CA LEU A 352 6.27 -27.02 20.95
C LEU A 352 5.63 -25.65 20.71
N TYR A 353 6.45 -24.68 20.29
CA TYR A 353 5.97 -23.33 20.03
C TYR A 353 4.92 -23.38 18.90
N ASN A 354 5.29 -23.99 17.76
CA ASN A 354 4.43 -24.07 16.60
C ASN A 354 3.11 -24.79 16.89
N LYS A 355 3.21 -25.91 17.61
CA LYS A 355 2.06 -26.76 17.89
C LYS A 355 1.20 -26.14 19.00
N TYR A 356 1.59 -24.97 19.51
CA TYR A 356 0.79 -24.24 20.47
C TYR A 356 0.05 -23.12 19.77
N VAL A 357 0.66 -22.61 18.69
CA VAL A 357 0.07 -21.56 17.87
C VAL A 357 -1.03 -22.18 17.00
N SER A 358 -0.77 -23.39 16.49
CA SER A 358 -1.67 -24.07 15.58
C SER A 358 -2.87 -24.64 16.34
N ARG A 359 -2.63 -25.09 17.58
CA ARG A 359 -3.69 -25.57 18.46
C ARG A 359 -4.65 -24.44 18.79
N MET A 360 -4.10 -23.27 19.16
CA MET A 360 -4.90 -22.16 19.64
C MET A 360 -5.75 -21.59 18.49
N LYS A 361 -5.30 -21.81 17.25
CA LYS A 361 -5.98 -21.31 16.06
C LYS A 361 -7.11 -22.26 15.66
N GLU A 362 -6.82 -23.57 15.71
CA GLU A 362 -7.71 -24.60 15.20
C GLU A 362 -8.65 -25.08 16.30
N GLN A 363 -8.47 -24.57 17.52
CA GLN A 363 -9.28 -25.00 18.65
C GLN A 363 -10.11 -23.83 19.19
N TYR A 364 -9.73 -22.58 18.87
CA TYR A 364 -10.41 -21.45 19.48
C TYR A 364 -10.68 -20.33 18.49
N ASN A 365 -10.11 -20.42 17.28
CA ASN A 365 -10.19 -19.35 16.30
C ASN A 365 -9.53 -18.08 16.87
N ILE A 366 -8.55 -18.28 17.77
CA ILE A 366 -7.83 -17.20 18.41
C ILE A 366 -6.41 -17.16 17.86
N ASN A 367 -6.04 -16.01 17.26
CA ASN A 367 -4.65 -15.73 16.91
C ASN A 367 -3.91 -15.25 18.14
N ILE A 368 -3.04 -16.11 18.68
CA ILE A 368 -2.38 -15.85 19.96
C ILE A 368 -1.35 -14.74 19.76
N LYS A 369 -0.91 -14.55 18.51
CA LYS A 369 0.04 -13.49 18.16
C LYS A 369 -0.58 -12.11 18.30
N GLU A 370 -1.93 -12.04 18.35
CA GLU A 370 -2.65 -10.79 18.37
C GLU A 370 -2.45 -10.06 19.69
N ASN A 371 -2.43 -10.83 20.80
CA ASN A 371 -2.38 -10.26 22.14
C ASN A 371 -0.95 -10.27 22.69
N ASN A 372 -0.05 -10.99 22.01
CA ASN A 372 1.33 -11.12 22.44
C ASN A 372 2.27 -10.35 21.52
N LYS A 373 2.77 -9.20 21.98
CA LYS A 373 3.48 -8.29 21.09
C LYS A 373 4.99 -8.34 21.34
N ARG A 374 5.75 -8.49 20.26
CA ARG A 374 7.20 -8.36 20.28
C ARG A 374 7.58 -6.89 20.48
N ILE A 375 8.60 -6.65 21.34
CA ILE A 375 9.02 -5.30 21.69
C ILE A 375 10.50 -5.12 21.32
N TYR A 376 10.86 -3.91 20.87
CA TYR A 376 12.25 -3.49 20.74
C TYR A 376 12.42 -2.22 21.55
N VAL A 377 13.66 -1.89 21.94
CA VAL A 377 13.91 -0.70 22.75
C VAL A 377 14.94 0.21 22.07
N LEU A 378 14.56 1.47 21.85
CA LEU A 378 15.47 2.45 21.29
C LEU A 378 16.34 3.08 22.39
N LYS A 379 15.71 3.50 23.48
CA LYS A 379 16.42 4.16 24.56
C LYS A 379 16.01 3.50 25.88
N ASP A 380 14.86 3.92 26.43
CA ASP A 380 14.42 3.43 27.73
C ASP A 380 12.93 3.04 27.76
N ARG A 381 12.22 3.18 26.63
CA ARG A 381 10.79 2.90 26.63
C ARG A 381 10.48 1.71 25.72
N ILE A 382 9.26 1.16 25.86
CA ILE A 382 8.76 0.09 25.03
C ILE A 382 8.39 0.66 23.66
N SER A 383 8.82 -0.04 22.59
CA SER A 383 8.32 0.15 21.24
C SER A 383 7.74 -1.18 20.81
N TYR A 384 6.50 -1.16 20.33
CA TYR A 384 5.90 -2.35 19.77
C TYR A 384 6.39 -2.51 18.33
N LEU A 385 7.01 -3.65 18.04
CA LEU A 385 7.51 -3.91 16.71
C LEU A 385 6.37 -3.79 15.70
N LYS A 386 6.67 -3.09 14.61
CA LYS A 386 5.78 -2.94 13.46
C LYS A 386 4.58 -2.03 13.76
N GLU A 387 4.58 -1.28 14.87
CA GLU A 387 3.40 -0.50 15.22
C GLU A 387 3.55 0.99 14.92
N LYS A 388 4.76 1.45 14.58
CA LYS A 388 4.97 2.83 14.22
C LYS A 388 6.19 2.97 13.32
N THR A 389 6.10 3.82 12.30
CA THR A 389 7.23 4.27 11.51
C THR A 389 7.79 5.54 12.13
N ASN A 390 8.93 5.38 12.83
CA ASN A 390 9.62 6.48 13.50
C ASN A 390 10.48 7.23 12.49
N ILE A 391 10.56 8.56 12.64
CA ILE A 391 11.42 9.37 11.77
C ILE A 391 12.75 9.61 12.48
N VAL A 392 13.84 9.35 11.75
CA VAL A 392 15.17 9.65 12.24
C VAL A 392 15.69 10.81 11.41
N GLY A 393 15.83 11.99 12.02
CA GLY A 393 16.35 13.14 11.31
C GLY A 393 17.88 13.12 11.21
N ILE A 394 18.40 13.43 10.02
CA ILE A 394 19.83 13.41 9.74
C ILE A 394 20.43 14.77 10.05
N LEU A 395 21.51 14.79 10.85
CA LEU A 395 22.33 15.97 11.02
C LEU A 395 23.76 15.62 10.60
N ASN A 396 24.13 16.03 9.40
CA ASN A 396 25.51 15.93 8.95
C ASN A 396 26.25 17.19 9.39
N VAL A 397 27.11 17.02 10.40
CA VAL A 397 28.02 18.05 10.86
C VAL A 397 29.34 17.86 10.10
N ASN A 398 29.35 18.23 8.81
CA ASN A 398 30.51 18.02 7.95
C ASN A 398 30.35 18.77 6.61
N VAL A 409 29.64 22.73 9.50
CA VAL A 409 28.51 23.29 10.30
C VAL A 409 29.05 23.69 11.68
N GLU A 410 28.64 24.89 12.12
CA GLU A 410 29.09 25.53 13.35
C GLU A 410 28.16 25.14 14.50
N PRO A 411 28.70 24.82 15.71
CA PRO A 411 27.91 24.13 16.74
C PRO A 411 26.53 24.71 16.98
N LYS A 412 26.48 26.04 17.17
CA LYS A 412 25.27 26.80 17.45
C LYS A 412 24.21 26.52 16.38
N ARG A 413 24.60 26.62 15.10
CA ARG A 413 23.69 26.35 14.01
C ARG A 413 23.23 24.88 14.03
N ALA A 414 24.19 23.96 14.16
CA ALA A 414 23.89 22.54 14.20
C ALA A 414 22.81 22.28 15.23
N VAL A 415 22.96 22.92 16.40
CA VAL A 415 22.07 22.64 17.52
C VAL A 415 20.67 23.20 17.27
N GLN A 416 20.56 24.35 16.59
CA GLN A 416 19.22 24.86 16.34
C GLN A 416 18.54 23.99 15.28
N ARG A 417 19.33 23.44 14.34
CA ARG A 417 18.84 22.46 13.37
C ARG A 417 18.26 21.25 14.12
N MET A 418 18.94 20.81 15.19
CA MET A 418 18.46 19.70 15.99
C MET A 418 17.10 20.02 16.58
N PHE A 419 16.95 21.23 17.13
CA PHE A 419 15.69 21.66 17.75
C PHE A 419 14.62 21.79 16.66
N GLU A 420 14.99 22.35 15.52
CA GLU A 420 14.06 22.41 14.41
C GLU A 420 13.48 21.04 14.09
N MET A 421 14.34 20.00 14.02
CA MET A 421 13.95 18.67 13.57
C MET A 421 13.00 18.03 14.58
N ILE A 422 13.27 18.23 15.86
CA ILE A 422 12.40 17.75 16.92
C ILE A 422 11.00 18.32 16.71
N ASN A 423 10.96 19.62 16.44
CA ASN A 423 9.69 20.33 16.31
C ASN A 423 8.98 19.85 15.04
N GLU A 424 9.76 19.38 14.04
CA GLU A 424 9.14 18.89 12.82
C GLU A 424 8.66 17.45 13.00
N GLY A 425 9.00 16.82 14.13
CA GLY A 425 8.46 15.53 14.49
C GLY A 425 9.42 14.34 14.41
N ALA A 426 10.74 14.61 14.36
CA ALA A 426 11.75 13.55 14.45
C ALA A 426 11.70 12.92 15.84
N SER A 427 11.61 11.60 15.90
CA SER A 427 11.74 10.81 17.12
C SER A 427 13.20 10.69 17.56
N VAL A 428 14.12 10.61 16.59
CA VAL A 428 15.52 10.30 16.79
C VAL A 428 16.28 11.33 15.96
N ILE A 429 17.45 11.78 16.44
CA ILE A 429 18.37 12.55 15.61
C ILE A 429 19.63 11.71 15.43
N ASP A 430 20.08 11.53 14.18
CA ASP A 430 21.29 10.79 13.83
C ASP A 430 22.35 11.81 13.44
N ILE A 431 23.34 11.98 14.32
CA ILE A 431 24.41 12.93 14.05
C ILE A 431 25.63 12.19 13.54
N GLY A 432 26.25 12.72 12.50
CA GLY A 432 27.50 12.15 12.00
C GLY A 432 28.44 13.26 11.54
N GLY A 433 29.75 12.98 11.63
CA GLY A 433 30.79 13.91 11.19
C GLY A 433 31.75 13.21 10.23
N GLU A 434 31.36 12.04 9.72
CA GLU A 434 32.10 11.34 8.71
C GLU A 434 31.14 10.95 7.60
N SER A 435 31.28 11.62 6.45
CA SER A 435 30.47 11.29 5.30
C SER A 435 30.84 9.90 4.78
N SER A 436 29.83 9.12 4.39
CA SER A 436 30.03 7.78 3.87
C SER A 436 29.39 7.63 2.49
N GLY A 437 28.80 8.72 1.98
CA GLY A 437 28.24 8.76 0.64
C GLY A 437 29.31 8.51 -0.42
N PRO A 438 28.93 8.23 -1.70
CA PRO A 438 29.90 7.75 -2.70
C PRO A 438 31.00 8.75 -3.04
N PHE A 439 32.22 8.21 -3.21
CA PHE A 439 33.42 8.89 -3.67
C PHE A 439 33.70 10.16 -2.89
N VAL A 440 33.23 10.23 -1.64
CA VAL A 440 33.19 11.49 -0.91
C VAL A 440 34.61 11.92 -0.54
N ILE A 441 34.88 13.21 -0.80
CA ILE A 441 36.17 13.83 -0.49
C ILE A 441 36.22 14.07 1.02
N PRO A 442 37.25 13.54 1.72
CA PRO A 442 37.35 13.71 3.17
C PRO A 442 37.89 15.09 3.55
N ASN A 443 37.65 15.48 4.82
CA ASN A 443 38.06 16.78 5.34
C ASN A 443 39.34 16.64 6.16
N PRO A 444 40.50 17.17 5.69
CA PRO A 444 41.74 17.09 6.46
C PRO A 444 41.80 18.10 7.62
N LYS A 445 40.89 19.07 7.58
CA LYS A 445 40.91 20.25 8.45
C LYS A 445 40.51 19.90 9.88
N ILE A 446 39.47 19.08 10.05
CA ILE A 446 38.91 18.85 11.38
C ILE A 446 38.49 17.38 11.55
N SER A 447 38.78 16.80 12.73
CA SER A 447 38.47 15.40 12.99
C SER A 447 36.98 15.21 13.23
N GLU A 448 36.54 13.95 13.04
CA GLU A 448 35.19 13.50 13.37
C GLU A 448 34.83 13.97 14.78
N ARG A 449 35.72 13.70 15.73
CA ARG A 449 35.49 14.00 17.14
C ARG A 449 35.17 15.48 17.30
N ASP A 450 35.99 16.34 16.69
CA ASP A 450 35.88 17.78 16.85
C ASP A 450 34.62 18.30 16.16
N LEU A 451 34.10 17.54 15.19
CA LEU A 451 32.85 17.95 14.56
C LEU A 451 31.66 17.59 15.44
N VAL A 452 31.63 16.37 15.98
CA VAL A 452 30.40 15.89 16.56
C VAL A 452 30.32 16.19 18.06
N VAL A 453 31.37 15.93 18.81
CA VAL A 453 31.27 15.98 20.27
C VAL A 453 30.83 17.38 20.72
N PRO A 454 31.38 18.50 20.19
CA PRO A 454 30.96 19.83 20.66
C PRO A 454 29.48 20.12 20.37
N VAL A 455 29.02 19.69 19.19
CA VAL A 455 27.61 19.79 18.88
C VAL A 455 26.80 19.06 19.95
N LEU A 456 27.16 17.80 20.22
CA LEU A 456 26.40 17.01 21.18
C LEU A 456 26.47 17.63 22.58
N GLN A 457 27.61 18.22 22.94
CA GLN A 457 27.78 18.87 24.23
C GLN A 457 26.86 20.09 24.32
N LEU A 458 26.80 20.88 23.26
CA LEU A 458 25.95 22.07 23.27
C LEU A 458 24.47 21.67 23.33
N PHE A 459 24.09 20.60 22.61
CA PHE A 459 22.71 20.15 22.61
C PHE A 459 22.27 19.76 24.02
N GLN A 460 23.10 18.95 24.68
CA GLN A 460 22.81 18.48 26.04
C GLN A 460 22.60 19.69 26.96
N LYS A 461 23.46 20.70 26.83
CA LYS A 461 23.41 21.90 27.67
C LYS A 461 22.13 22.70 27.36
N GLU A 462 21.91 22.96 26.07
CA GLU A 462 20.75 23.71 25.60
C GLU A 462 19.45 23.02 26.01
N TRP A 463 19.41 21.67 25.91
CA TRP A 463 18.23 20.92 26.34
C TRP A 463 17.98 21.07 27.83
N ASN A 464 19.06 21.07 28.63
CA ASN A 464 18.92 21.13 30.09
C ASN A 464 18.50 22.51 30.54
N ASP A 465 18.83 23.54 29.75
CA ASP A 465 18.47 24.94 30.03
C ASP A 465 16.96 25.13 29.89
N ILE A 466 16.31 24.22 29.17
CA ILE A 466 14.86 24.19 29.06
C ILE A 466 14.32 23.29 30.17
N LYS A 467 14.85 23.49 31.39
CA LYS A 467 14.29 22.92 32.62
C LYS A 467 13.14 23.80 33.08
N ASN A 468 13.00 24.97 32.44
CA ASN A 468 11.95 25.95 32.68
C ASN A 468 10.61 25.33 32.30
N LYS A 469 10.54 24.79 31.08
CA LYS A 469 9.39 24.07 30.58
C LYS A 469 9.48 22.62 31.06
N ILE A 470 9.18 22.40 32.34
CA ILE A 470 9.35 21.10 32.98
C ILE A 470 8.36 20.10 32.40
N VAL A 471 7.28 20.61 31.80
CA VAL A 471 6.16 19.83 31.29
C VAL A 471 6.58 19.08 30.02
N LYS A 472 7.63 19.57 29.35
CA LYS A 472 8.19 18.91 28.18
C LYS A 472 9.52 18.25 28.55
N CYS A 473 9.47 17.36 29.55
CA CYS A 473 10.62 16.64 30.08
C CYS A 473 10.69 15.24 29.46
N ASP A 474 9.62 14.85 28.76
CA ASP A 474 9.53 13.55 28.11
C ASP A 474 9.48 13.72 26.59
N ALA A 475 9.71 14.96 26.12
CA ALA A 475 9.77 15.28 24.70
C ALA A 475 11.19 15.15 24.19
N LYS A 476 12.08 14.50 24.97
CA LYS A 476 13.49 14.47 24.62
C LYS A 476 13.72 13.46 23.49
N PRO A 477 14.35 13.89 22.38
CA PRO A 477 14.65 12.98 21.28
C PRO A 477 15.68 11.97 21.74
N ILE A 478 15.57 10.79 21.15
CA ILE A 478 16.64 9.82 21.14
C ILE A 478 17.76 10.35 20.25
N ILE A 479 19.00 10.25 20.76
CA ILE A 479 20.17 10.67 20.00
C ILE A 479 20.97 9.44 19.54
N SER A 480 21.28 9.45 18.24
CA SER A 480 22.00 8.40 17.56
C SER A 480 23.28 9.01 16.98
N ILE A 481 24.42 8.33 17.19
CA ILE A 481 25.66 8.76 16.55
C ILE A 481 26.06 7.78 15.45
N ASP A 482 26.26 8.33 14.25
CA ASP A 482 26.70 7.60 13.07
C ASP A 482 28.24 7.60 13.06
N THR A 483 28.83 6.58 13.66
CA THR A 483 30.28 6.44 13.71
C THR A 483 30.64 4.96 13.66
N ILE A 484 31.87 4.69 13.25
CA ILE A 484 32.45 3.36 13.37
C ILE A 484 33.68 3.45 14.28
N ASN A 485 33.92 4.64 14.86
CA ASN A 485 35.17 4.95 15.56
C ASN A 485 35.00 4.83 17.08
N TYR A 486 35.76 3.88 17.65
CA TYR A 486 35.76 3.59 19.06
C TYR A 486 35.99 4.85 19.90
N ASN A 487 36.99 5.67 19.53
CA ASN A 487 37.34 6.84 20.32
C ASN A 487 36.16 7.83 20.40
N VAL A 488 35.45 8.00 19.27
CA VAL A 488 34.33 8.92 19.20
C VAL A 488 33.18 8.42 20.08
N PHE A 489 32.79 7.16 19.89
CA PHE A 489 31.71 6.58 20.67
C PHE A 489 32.04 6.59 22.17
N LYS A 490 33.29 6.26 22.51
CA LYS A 490 33.72 6.21 23.89
C LYS A 490 33.53 7.57 24.57
N GLU A 491 33.91 8.64 23.88
CA GLU A 491 33.70 9.95 24.44
C GLU A 491 32.20 10.24 24.60
N CYS A 492 31.39 9.88 23.61
CA CYS A 492 29.94 10.06 23.69
C CYS A 492 29.34 9.38 24.93
N VAL A 493 29.68 8.10 25.15
CA VAL A 493 29.02 7.36 26.22
C VAL A 493 29.51 7.80 27.59
N ASP A 494 30.81 8.12 27.69
CA ASP A 494 31.39 8.60 28.93
C ASP A 494 30.66 9.85 29.40
N ASN A 495 30.24 10.70 28.45
CA ASN A 495 29.68 11.99 28.77
C ASN A 495 28.15 11.98 28.62
N ASP A 496 27.56 10.79 28.53
CA ASP A 496 26.11 10.60 28.35
C ASP A 496 25.55 11.47 27.22
N LEU A 497 26.21 11.48 26.05
CA LEU A 497 25.80 12.39 24.99
C LEU A 497 24.87 11.70 23.97
N VAL A 498 24.74 10.37 24.00
CA VAL A 498 24.03 9.63 22.97
C VAL A 498 23.26 8.47 23.58
N ASP A 499 22.33 7.92 22.78
CA ASP A 499 21.57 6.73 23.16
C ASP A 499 21.88 5.56 22.24
N ILE A 500 22.20 5.85 20.98
CA ILE A 500 22.30 4.79 19.98
C ILE A 500 23.60 4.91 19.19
N LEU A 501 24.24 3.76 19.00
CA LEU A 501 25.32 3.65 18.03
C LEU A 501 24.71 3.24 16.69
N ASN A 502 24.89 4.07 15.68
CA ASN A 502 24.62 3.72 14.30
C ASN A 502 25.94 3.33 13.65
N ASP A 503 26.20 2.02 13.52
CA ASP A 503 27.47 1.52 13.02
C ASP A 503 27.27 0.97 11.61
N ILE A 504 27.69 1.73 10.61
CA ILE A 504 27.43 1.33 9.23
C ILE A 504 28.30 0.13 8.84
N SER A 505 29.23 -0.28 9.71
CA SER A 505 29.98 -1.51 9.43
C SER A 505 29.42 -2.72 10.19
N ALA A 506 28.25 -2.54 10.85
CA ALA A 506 27.70 -3.58 11.70
C ALA A 506 28.72 -4.02 12.76
N CYS A 507 29.55 -3.07 13.21
CA CYS A 507 30.49 -3.32 14.28
C CYS A 507 31.61 -4.27 13.83
N THR A 508 31.86 -4.42 12.52
CA THR A 508 32.96 -5.29 12.08
C THR A 508 34.28 -4.54 11.94
N ASN A 509 34.23 -3.21 11.84
CA ASN A 509 35.43 -2.42 11.57
C ASN A 509 36.32 -2.45 12.81
N ASN A 510 35.72 -2.21 13.97
CA ASN A 510 36.40 -2.40 15.24
C ASN A 510 35.41 -3.05 16.21
N PRO A 511 35.35 -4.40 16.29
CA PRO A 511 34.42 -5.07 17.19
C PRO A 511 34.52 -4.69 18.67
N GLU A 512 35.61 -4.03 19.06
CA GLU A 512 35.83 -3.61 20.44
C GLU A 512 34.74 -2.62 20.85
N ILE A 513 34.17 -1.92 19.87
CA ILE A 513 33.12 -0.95 20.15
C ILE A 513 31.92 -1.60 20.85
N ILE A 514 31.69 -2.92 20.64
CA ILE A 514 30.55 -3.63 21.19
C ILE A 514 30.62 -3.56 22.72
N LYS A 515 31.84 -3.54 23.27
CA LYS A 515 32.02 -3.47 24.71
C LYS A 515 31.46 -2.15 25.24
N LEU A 516 31.41 -1.12 24.39
CA LEU A 516 30.92 0.17 24.81
C LEU A 516 29.38 0.23 24.85
N LEU A 517 28.69 -0.83 24.38
CA LEU A 517 27.23 -0.82 24.35
C LEU A 517 26.65 -1.23 25.72
N LYS A 518 27.52 -1.46 26.71
CA LYS A 518 27.12 -1.90 28.03
C LYS A 518 27.87 -1.11 29.10
N LYS A 519 27.13 -0.70 30.15
CA LYS A 519 27.68 -0.22 31.41
C LYS A 519 27.11 -1.07 32.54
N LYS A 520 27.56 -0.84 33.77
CA LYS A 520 27.07 -1.53 34.96
C LYS A 520 25.57 -1.30 35.12
N ASN A 521 25.07 -0.12 34.74
CA ASN A 521 23.65 0.12 34.91
C ASN A 521 23.06 0.74 33.65
N LYS A 522 23.51 0.26 32.47
CA LYS A 522 23.01 0.80 31.23
C LYS A 522 23.32 -0.11 30.04
N PHE A 523 22.36 -0.19 29.12
CA PHE A 523 22.55 -0.78 27.80
C PHE A 523 22.26 0.28 26.76
N TYR A 524 23.00 0.24 25.64
CA TYR A 524 22.74 1.12 24.52
C TYR A 524 22.24 0.27 23.34
N SER A 525 21.33 0.83 22.54
CA SER A 525 20.91 0.16 21.32
C SER A 525 21.88 0.46 20.18
N VAL A 526 21.80 -0.34 19.12
CA VAL A 526 22.76 -0.29 18.04
C VAL A 526 22.00 -0.56 16.75
N VAL A 527 22.33 0.18 15.69
CA VAL A 527 21.91 -0.19 14.35
C VAL A 527 23.06 -0.90 13.66
N LEU A 528 22.80 -2.09 13.11
CA LEU A 528 23.77 -2.82 12.30
C LEU A 528 23.37 -2.70 10.84
N MET A 529 24.25 -2.10 10.05
CA MET A 529 23.99 -1.89 8.64
C MET A 529 24.90 -2.77 7.80
N HIS A 530 24.42 -3.21 6.63
CA HIS A 530 25.23 -3.93 5.66
C HIS A 530 25.86 -2.97 4.65
N LYS A 531 27.16 -3.18 4.40
CA LYS A 531 27.87 -2.62 3.26
C LYS A 531 29.07 -3.51 2.92
N ARG A 532 29.72 -3.20 1.80
CA ARG A 532 31.03 -3.74 1.47
C ARG A 532 31.94 -2.56 1.14
N GLY A 533 33.24 -2.74 1.38
CA GLY A 533 34.23 -1.78 0.90
C GLY A 533 34.13 -0.44 1.59
N ASN A 534 34.48 0.63 0.88
CA ASN A 534 34.51 1.93 1.48
C ASN A 534 33.88 2.89 0.48
N PRO A 535 33.80 4.19 0.80
CA PRO A 535 33.16 5.15 -0.10
C PRO A 535 33.71 5.15 -1.52
N HIS A 536 34.97 4.71 -1.70
CA HIS A 536 35.61 4.78 -3.00
C HIS A 536 35.48 3.48 -3.78
N THR A 537 35.32 2.36 -3.07
CA THR A 537 35.32 1.05 -3.71
C THR A 537 33.92 0.44 -3.71
N MET A 538 33.00 0.97 -2.89
CA MET A 538 31.74 0.26 -2.66
C MET A 538 30.94 0.07 -3.95
N ASP A 539 30.94 1.07 -4.83
CA ASP A 539 30.23 0.99 -6.11
C ASP A 539 30.72 -0.16 -6.99
N LYS A 540 31.86 -0.77 -6.68
CA LYS A 540 32.31 -1.87 -7.54
C LYS A 540 32.09 -3.24 -6.89
N LEU A 541 31.63 -3.28 -5.62
CA LEU A 541 31.56 -4.55 -4.92
C LEU A 541 30.11 -5.07 -4.89
N THR A 542 29.59 -5.43 -6.07
CA THR A 542 28.16 -5.41 -6.35
C THR A 542 27.67 -6.81 -6.73
N ASN A 543 28.53 -7.83 -6.63
CA ASN A 543 28.15 -9.17 -7.02
C ASN A 543 27.64 -9.94 -5.82
N TYR A 544 26.40 -10.44 -5.93
CA TYR A 544 25.83 -11.22 -4.87
C TYR A 544 25.22 -12.47 -5.48
N ASP A 545 25.39 -13.63 -4.83
CA ASP A 545 24.76 -14.84 -5.29
C ASP A 545 23.26 -14.79 -5.05
N ASN A 546 22.86 -14.26 -3.88
CA ASN A 546 21.46 -14.20 -3.50
C ASN A 546 21.23 -12.92 -2.68
N LEU A 547 21.21 -11.77 -3.38
CA LEU A 547 21.28 -10.44 -2.79
C LEU A 547 20.44 -10.33 -1.52
N VAL A 548 19.15 -10.69 -1.59
CA VAL A 548 18.22 -10.42 -0.50
C VAL A 548 18.58 -11.25 0.73
N TYR A 549 18.91 -12.53 0.52
CA TYR A 549 19.19 -13.48 1.60
C TYR A 549 20.63 -13.42 2.11
N ASP A 550 21.56 -13.05 1.23
CA ASP A 550 22.94 -12.78 1.63
C ASP A 550 22.97 -11.64 2.65
N ILE A 551 22.28 -10.55 2.36
CA ILE A 551 22.29 -9.42 3.26
C ILE A 551 21.56 -9.80 4.55
N LYS A 552 20.39 -10.42 4.42
CA LYS A 552 19.66 -10.81 5.61
C LYS A 552 20.49 -11.74 6.49
N ASN A 553 21.16 -12.73 5.87
CA ASN A 553 21.93 -13.72 6.61
C ASN A 553 23.11 -13.02 7.30
N TYR A 554 23.74 -12.09 6.59
CA TYR A 554 24.83 -11.31 7.15
C TYR A 554 24.38 -10.56 8.42
N LEU A 555 23.23 -9.87 8.35
CA LEU A 555 22.73 -9.12 9.49
C LEU A 555 22.42 -10.07 10.66
N GLU A 556 21.83 -11.23 10.37
CA GLU A 556 21.58 -12.24 11.39
C GLU A 556 22.87 -12.72 12.03
N GLN A 557 23.93 -12.96 11.24
CA GLN A 557 25.21 -13.37 11.79
C GLN A 557 25.74 -12.30 12.77
N ARG A 558 25.61 -11.03 12.38
CA ARG A 558 26.08 -9.92 13.19
C ARG A 558 25.30 -9.87 14.50
N LEU A 559 23.97 -9.99 14.40
CA LEU A 559 23.14 -10.02 15.58
C LEU A 559 23.56 -11.20 16.49
N ASN A 560 23.83 -12.38 15.91
CA ASN A 560 24.16 -13.54 16.74
C ASN A 560 25.44 -13.25 17.54
N PHE A 561 26.41 -12.58 16.89
CA PHE A 561 27.67 -12.22 17.53
C PHE A 561 27.44 -11.26 18.69
N LEU A 562 26.60 -10.24 18.49
CA LEU A 562 26.35 -9.30 19.59
C LEU A 562 25.61 -9.99 20.74
N VAL A 563 24.63 -10.84 20.38
CA VAL A 563 23.80 -11.50 21.39
C VAL A 563 24.66 -12.42 22.25
N LEU A 564 25.56 -13.17 21.59
CA LEU A 564 26.49 -14.06 22.29
C LEU A 564 27.31 -13.22 23.26
N ASN A 565 27.51 -11.95 22.91
CA ASN A 565 28.39 -11.10 23.68
C ASN A 565 27.58 -10.29 24.69
N GLY A 566 26.29 -10.63 24.82
CA GLY A 566 25.51 -10.09 25.92
C GLY A 566 24.77 -8.79 25.60
N ILE A 567 24.68 -8.42 24.32
CA ILE A 567 23.82 -7.30 23.92
C ILE A 567 22.39 -7.81 23.83
N PRO A 568 21.41 -7.19 24.53
CA PRO A 568 20.03 -7.65 24.46
C PRO A 568 19.58 -7.67 23.00
N ARG A 569 18.94 -8.76 22.59
CA ARG A 569 18.43 -8.99 21.24
C ARG A 569 17.50 -7.84 20.82
N TYR A 570 16.71 -7.33 21.77
CA TYR A 570 15.63 -6.38 21.51
C TYR A 570 16.18 -4.97 21.33
N ARG A 571 17.52 -4.80 21.46
CA ARG A 571 18.16 -3.51 21.27
C ARG A 571 18.95 -3.44 19.95
N ILE A 572 18.77 -4.46 19.09
CA ILE A 572 19.56 -4.51 17.87
C ILE A 572 18.65 -4.27 16.66
N LEU A 573 18.99 -3.23 15.88
CA LEU A 573 18.19 -2.87 14.72
C LEU A 573 18.94 -3.26 13.44
N PHE A 574 18.21 -3.72 12.42
CA PHE A 574 18.77 -4.18 11.15
C PHE A 574 18.67 -3.07 10.10
N ASP A 575 19.69 -2.95 9.24
CA ASP A 575 19.65 -1.99 8.14
C ASP A 575 20.31 -2.57 6.90
N ILE A 576 19.56 -2.58 5.78
CA ILE A 576 20.00 -3.26 4.58
C ILE A 576 21.07 -2.45 3.85
N GLY A 577 21.28 -1.19 4.24
CA GLY A 577 22.31 -0.35 3.65
C GLY A 577 22.07 0.02 2.18
N LEU A 578 20.89 0.58 1.88
CA LEU A 578 20.57 1.08 0.54
C LEU A 578 21.71 1.97 0.04
N GLY A 579 22.11 1.79 -1.22
CA GLY A 579 23.15 2.60 -1.83
C GLY A 579 24.59 2.19 -1.47
N PHE A 580 24.77 1.23 -0.56
CA PHE A 580 26.11 0.87 -0.10
C PHE A 580 26.52 -0.49 -0.67
N ALA A 581 27.29 -0.47 -1.76
CA ALA A 581 27.64 -1.69 -2.50
C ALA A 581 26.39 -2.32 -3.11
N LYS A 582 25.52 -1.46 -3.66
CA LYS A 582 24.37 -1.96 -4.40
C LYS A 582 24.19 -1.06 -5.61
N LYS A 583 23.99 -1.65 -6.79
CA LYS A 583 23.51 -0.89 -7.94
C LYS A 583 22.07 -0.44 -7.65
N HIS A 584 21.60 0.55 -8.40
CA HIS A 584 20.28 1.11 -8.20
C HIS A 584 19.19 0.04 -8.20
N ASP A 585 19.26 -0.90 -9.15
CA ASP A 585 18.25 -1.96 -9.26
C ASP A 585 18.32 -2.87 -8.04
N GLN A 586 19.52 -3.06 -7.46
CA GLN A 586 19.68 -3.88 -6.27
C GLN A 586 19.11 -3.17 -5.04
N SER A 587 19.31 -1.86 -4.95
CA SER A 587 18.67 -1.04 -3.92
C SER A 587 17.14 -1.17 -3.96
N ILE A 588 16.54 -1.04 -5.16
CA ILE A 588 15.11 -1.27 -5.40
C ILE A 588 14.68 -2.68 -4.99
N LYS A 589 15.46 -3.68 -5.40
CA LYS A 589 15.14 -5.08 -5.12
C LYS A 589 15.07 -5.35 -3.60
N LEU A 590 16.02 -4.79 -2.85
CA LEU A 590 15.99 -4.85 -1.39
C LEU A 590 14.67 -4.28 -0.86
N LEU A 591 14.29 -3.09 -1.34
CA LEU A 591 13.03 -2.48 -0.93
C LEU A 591 11.85 -3.38 -1.28
N GLN A 592 11.84 -3.92 -2.50
CA GLN A 592 10.75 -4.78 -2.93
C GLN A 592 10.60 -5.98 -2.00
N ASN A 593 11.71 -6.37 -1.37
CA ASN A 593 11.75 -7.62 -0.61
C ASN A 593 11.96 -7.32 0.86
N ILE A 594 11.52 -6.15 1.29
CA ILE A 594 11.69 -5.68 2.65
C ILE A 594 10.88 -6.54 3.63
N HIS A 595 9.88 -7.29 3.12
CA HIS A 595 9.08 -8.17 3.96
C HIS A 595 9.93 -9.22 4.68
N VAL A 596 11.16 -9.50 4.19
CA VAL A 596 12.00 -10.49 4.86
C VAL A 596 12.42 -10.02 6.26
N TYR A 597 12.20 -8.73 6.61
CA TYR A 597 12.50 -8.19 7.94
C TYR A 597 11.24 -8.08 8.82
N ASP A 598 10.17 -8.80 8.46
CA ASP A 598 8.91 -8.72 9.17
C ASP A 598 9.09 -9.09 10.65
N GLU A 599 10.12 -9.87 10.97
CA GLU A 599 10.28 -10.29 12.36
C GLU A 599 11.22 -9.36 13.13
N TYR A 600 11.87 -8.40 12.47
CA TYR A 600 13.04 -7.74 13.04
C TYR A 600 12.80 -6.24 13.13
N PRO A 601 13.42 -5.50 14.08
CA PRO A 601 13.33 -4.04 14.09
C PRO A 601 14.16 -3.54 12.91
N LEU A 602 13.56 -2.73 12.05
CA LEU A 602 14.18 -2.42 10.77
C LEU A 602 14.33 -0.90 10.66
N PHE A 603 15.54 -0.49 10.23
CA PHE A 603 15.99 0.89 10.07
C PHE A 603 16.50 0.98 8.63
N ILE A 604 15.99 1.94 7.84
CA ILE A 604 16.50 2.09 6.49
C ILE A 604 16.78 3.56 6.27
N GLY A 605 17.73 3.83 5.35
CA GLY A 605 18.05 5.18 4.91
C GLY A 605 18.08 5.28 3.38
N TYR A 606 17.06 5.91 2.80
CA TYR A 606 16.97 6.08 1.35
C TYR A 606 17.21 7.54 0.98
N SER A 607 17.22 8.41 1.97
CA SER A 607 17.03 9.84 1.77
C SER A 607 18.09 10.46 0.87
N ARG A 608 17.60 11.01 -0.26
CA ARG A 608 18.37 11.73 -1.27
C ARG A 608 19.43 10.85 -1.96
N LYS A 609 19.20 9.53 -2.03
CA LYS A 609 20.24 8.68 -2.60
C LYS A 609 20.03 8.53 -4.11
N ARG A 610 21.13 8.25 -4.81
CA ARG A 610 21.16 8.18 -6.26
C ARG A 610 20.06 7.26 -6.78
N PHE A 611 19.75 6.16 -6.07
CA PHE A 611 18.83 5.20 -6.63
C PHE A 611 17.44 5.81 -6.84
N ILE A 612 17.10 6.88 -6.11
CA ILE A 612 15.80 7.51 -6.29
C ILE A 612 15.68 8.14 -7.68
N ALA A 613 16.72 8.90 -8.08
CA ALA A 613 16.80 9.59 -9.36
C ALA A 613 16.71 8.57 -10.50
N HIS A 614 17.23 7.37 -10.23
CA HIS A 614 17.21 6.28 -11.20
C HIS A 614 15.79 5.77 -11.46
N CYS A 615 14.85 6.06 -10.56
CA CYS A 615 13.48 5.59 -10.75
C CYS A 615 12.74 6.50 -11.72
N MET A 616 13.30 7.68 -11.98
CA MET A 616 12.53 8.70 -12.64
C MET A 616 12.70 8.74 -14.15
N ASN A 617 11.58 9.12 -14.80
CA ASN A 617 11.22 8.74 -16.15
C ASN A 617 12.15 9.38 -17.18
N ASP A 618 12.27 10.71 -17.12
CA ASP A 618 13.04 11.50 -18.07
C ASP A 618 12.21 11.69 -19.34
N ASP A 657 18.92 27.01 -11.41
CA ASP A 657 18.23 26.14 -10.40
C ASP A 657 17.61 24.94 -11.10
N LYS A 658 18.35 24.37 -12.07
CA LYS A 658 17.95 23.13 -12.72
C LYS A 658 18.47 21.94 -11.90
N ASP A 659 19.36 22.23 -10.94
CA ASP A 659 19.84 21.27 -9.97
C ASP A 659 18.83 21.17 -8.81
N GLN A 660 18.10 22.27 -8.57
CA GLN A 660 17.09 22.33 -7.51
C GLN A 660 15.82 21.64 -7.98
N LEU A 661 15.80 21.28 -9.27
CA LEU A 661 14.76 20.49 -9.90
C LEU A 661 14.98 19.02 -9.51
N LEU A 662 16.20 18.55 -9.80
CA LEU A 662 16.67 17.21 -9.44
C LEU A 662 16.53 16.99 -7.94
N TYR A 663 16.83 18.05 -7.17
CA TYR A 663 16.81 18.03 -5.72
C TYR A 663 15.37 17.80 -5.23
N GLN A 664 14.42 18.48 -5.87
CA GLN A 664 13.02 18.38 -5.45
C GLN A 664 12.47 17.00 -5.80
N LYS A 665 12.78 16.53 -7.01
CA LYS A 665 12.34 15.20 -7.45
C LYS A 665 12.82 14.13 -6.46
N ASN A 666 14.06 14.27 -6.02
CA ASN A 666 14.69 13.39 -5.05
C ASN A 666 13.93 13.44 -3.73
N ILE A 667 13.66 14.64 -3.23
CA ILE A 667 12.94 14.71 -1.98
C ILE A 667 11.58 14.03 -2.15
N CYS A 668 10.92 14.30 -3.29
CA CYS A 668 9.58 13.78 -3.51
C CYS A 668 9.61 12.27 -3.71
N GLY A 669 10.62 11.76 -4.42
CA GLY A 669 10.79 10.34 -4.58
C GLY A 669 10.99 9.65 -3.23
N GLY A 670 11.69 10.33 -2.32
CA GLY A 670 11.86 9.79 -0.99
C GLY A 670 10.53 9.70 -0.24
N LEU A 671 9.63 10.67 -0.48
CA LEU A 671 8.32 10.66 0.17
C LEU A 671 7.47 9.49 -0.30
N ALA A 672 7.69 9.01 -1.53
CA ALA A 672 7.10 7.76 -2.01
C ALA A 672 7.63 6.58 -1.20
N ILE A 673 8.94 6.59 -0.91
CA ILE A 673 9.50 5.49 -0.13
C ILE A 673 9.00 5.59 1.31
N ALA A 674 8.80 6.82 1.81
CA ALA A 674 8.20 6.95 3.14
C ALA A 674 6.83 6.30 3.18
N SER A 675 6.03 6.46 2.10
CA SER A 675 4.69 5.88 2.00
C SER A 675 4.79 4.36 1.99
N TYR A 676 5.66 3.88 1.10
CA TYR A 676 5.93 2.45 1.02
C TYR A 676 6.32 1.90 2.40
N SER A 677 7.21 2.60 3.09
CA SER A 677 7.73 2.15 4.38
C SER A 677 6.63 2.09 5.42
N TYR A 678 5.77 3.11 5.44
CA TYR A 678 4.61 3.15 6.30
C TYR A 678 3.79 1.86 6.12
N TYR A 679 3.51 1.50 4.87
CA TYR A 679 2.64 0.36 4.61
C TYR A 679 3.36 -0.95 4.89
N LYS A 680 4.71 -0.95 4.78
CA LYS A 680 5.49 -2.16 5.00
C LYS A 680 5.85 -2.23 6.48
N LYS A 681 5.49 -1.18 7.22
CA LYS A 681 5.62 -1.12 8.66
C LYS A 681 7.09 -1.07 9.10
N VAL A 682 7.92 -0.38 8.29
CA VAL A 682 9.31 -0.15 8.63
C VAL A 682 9.37 0.61 9.96
N ASP A 683 10.22 0.18 10.89
CA ASP A 683 10.24 0.77 12.22
C ASP A 683 10.88 2.16 12.22
N LEU A 684 11.95 2.35 11.44
CA LEU A 684 12.63 3.64 11.45
C LEU A 684 13.09 3.99 10.04
N ILE A 685 12.95 5.27 9.69
CA ILE A 685 13.42 5.74 8.39
C ILE A 685 14.27 6.97 8.64
N ARG A 686 15.47 6.96 8.08
CA ARG A 686 16.48 8.00 8.32
C ARG A 686 16.42 9.00 7.16
N VAL A 687 16.02 10.26 7.45
CA VAL A 687 15.68 11.18 6.38
C VAL A 687 16.25 12.56 6.69
N HIS A 688 16.49 13.35 5.64
CA HIS A 688 16.87 14.74 5.77
C HIS A 688 15.66 15.65 5.99
N ASP A 689 14.52 15.32 5.35
CA ASP A 689 13.39 16.25 5.21
C ASP A 689 12.30 15.86 6.20
N VAL A 690 12.44 16.32 7.44
CA VAL A 690 11.65 15.78 8.55
C VAL A 690 10.21 16.27 8.45
N LEU A 691 9.99 17.60 8.26
CA LEU A 691 8.63 18.14 8.17
C LEU A 691 7.85 17.41 7.07
N GLU A 692 8.48 17.23 5.91
CA GLU A 692 7.84 16.64 4.74
C GLU A 692 7.44 15.20 5.03
N THR A 693 8.31 14.44 5.74
CA THR A 693 8.07 13.02 5.94
C THR A 693 6.95 12.84 6.97
N LYS A 694 6.98 13.70 7.98
CA LYS A 694 5.98 13.70 9.03
C LYS A 694 4.60 13.98 8.42
N SER A 695 4.52 14.89 7.45
CA SER A 695 3.26 15.23 6.79
C SER A 695 2.68 14.00 6.09
N VAL A 696 3.55 13.23 5.42
CA VAL A 696 3.10 12.04 4.70
C VAL A 696 2.58 11.03 5.70
N LEU A 697 3.34 10.80 6.77
CA LEU A 697 2.98 9.75 7.72
C LEU A 697 1.67 10.10 8.44
N ASP A 698 1.50 11.37 8.85
CA ASP A 698 0.27 11.80 9.54
C ASP A 698 -0.98 11.55 8.68
N VAL A 699 -0.90 11.81 7.38
CA VAL A 699 -2.04 11.62 6.48
C VAL A 699 -2.32 10.12 6.32
N LEU A 700 -1.27 9.34 6.06
CA LEU A 700 -1.49 7.90 5.90
C LEU A 700 -2.08 7.31 7.19
N THR A 701 -1.60 7.79 8.35
CA THR A 701 -2.09 7.32 9.64
C THR A 701 -3.58 7.67 9.79
N LYS A 702 -3.95 8.88 9.36
CA LYS A 702 -5.30 9.38 9.52
C LYS A 702 -6.24 8.51 8.69
N ILE A 703 -5.84 8.20 7.46
CA ILE A 703 -6.61 7.37 6.55
C ILE A 703 -6.84 5.98 7.14
N ASP A 704 -5.85 5.45 7.88
CA ASP A 704 -5.94 4.11 8.45
C ASP A 704 -6.86 4.04 9.68
N GLN A 705 -7.12 5.19 10.31
CA GLN A 705 -7.85 5.28 11.58
C GLN A 705 -9.35 5.38 11.30
N VAL A 706 -10.09 4.28 11.53
CA VAL A 706 -11.52 4.28 11.33
C VAL A 706 -12.24 4.77 12.60
N LYS A 707 -13.16 5.74 12.40
CA LYS A 707 -13.99 6.28 13.47
C LYS A 707 -15.28 5.47 13.61
N ASP A 708 -16.34 6.14 14.08
CA ASP A 708 -17.64 5.51 14.33
C ASP A 708 -18.33 5.20 12.99
N GLN B 5 -42.18 -11.76 -45.56
CA GLN B 5 -41.96 -11.48 -47.00
C GLN B 5 -42.71 -10.20 -47.39
N GLU B 6 -43.95 -10.09 -46.88
CA GLU B 6 -44.87 -9.02 -47.25
C GLU B 6 -44.82 -7.93 -46.18
N LEU B 7 -44.93 -8.35 -44.91
CA LEU B 7 -45.10 -7.45 -43.78
C LEU B 7 -43.77 -6.80 -43.39
N ILE B 8 -42.69 -7.27 -44.01
CA ILE B 8 -41.35 -6.74 -43.80
C ILE B 8 -41.26 -5.28 -44.27
N LEU B 9 -42.00 -4.95 -45.34
CA LEU B 9 -41.90 -3.63 -45.97
C LEU B 9 -43.15 -2.80 -45.76
N SER B 10 -44.06 -3.23 -44.87
CA SER B 10 -45.25 -2.45 -44.57
C SER B 10 -44.86 -1.15 -43.86
N GLU B 11 -45.65 -0.10 -44.06
CA GLU B 11 -45.28 1.26 -43.66
C GLU B 11 -45.77 1.56 -42.23
N GLU B 12 -45.92 0.51 -41.41
CA GLU B 12 -46.37 0.66 -40.04
C GLU B 12 -45.23 1.21 -39.18
N ASN B 13 -45.42 2.43 -38.63
CA ASN B 13 -44.40 3.10 -37.84
C ASN B 13 -44.20 2.36 -36.51
N LYS B 14 -43.19 1.50 -36.51
CA LYS B 14 -42.96 0.54 -35.44
C LYS B 14 -41.83 1.04 -34.54
N THR B 15 -41.87 0.69 -33.25
CA THR B 15 -40.79 1.00 -32.31
C THR B 15 -40.33 -0.25 -31.57
N ASN B 16 -39.10 -0.69 -31.85
CA ASN B 16 -38.58 -1.96 -31.34
C ASN B 16 -37.30 -1.74 -30.52
N ILE B 17 -37.00 -2.72 -29.64
CA ILE B 17 -35.77 -2.76 -28.86
C ILE B 17 -34.85 -3.88 -29.34
N ALA B 18 -33.67 -3.50 -29.85
CA ALA B 18 -32.62 -4.44 -30.22
C ALA B 18 -31.38 -4.23 -29.33
N VAL B 19 -30.67 -5.34 -29.08
CA VAL B 19 -29.39 -5.32 -28.38
C VAL B 19 -28.33 -5.84 -29.34
N LEU B 20 -27.26 -5.05 -29.52
CA LEU B 20 -26.20 -5.37 -30.47
C LEU B 20 -24.87 -5.61 -29.77
N ASN B 21 -24.02 -6.41 -30.44
CA ASN B 21 -22.61 -6.57 -30.14
C ASN B 21 -21.79 -5.97 -31.29
N LEU B 22 -20.77 -5.16 -30.93
CA LEU B 22 -19.84 -4.54 -31.86
C LEU B 22 -18.44 -5.03 -31.50
N GLY B 23 -17.74 -5.67 -32.45
CA GLY B 23 -16.44 -6.26 -32.16
C GLY B 23 -15.42 -5.91 -33.25
N THR B 24 -14.15 -5.77 -32.86
CA THR B 24 -13.07 -5.60 -33.80
C THR B 24 -11.83 -6.27 -33.24
N ASN B 25 -10.89 -6.64 -34.12
CA ASN B 25 -9.64 -7.27 -33.75
C ASN B 25 -8.50 -6.25 -33.78
N ASP B 26 -8.79 -5.06 -34.31
CA ASP B 26 -7.78 -4.02 -34.52
C ASP B 26 -7.63 -3.19 -33.25
N ARG B 27 -6.49 -3.35 -32.56
CA ARG B 27 -6.25 -2.74 -31.27
C ARG B 27 -6.00 -1.22 -31.40
N ARG B 28 -5.06 -0.84 -32.28
CA ARG B 28 -4.65 0.56 -32.40
C ARG B 28 -5.87 1.41 -32.71
N ASN B 29 -6.79 0.85 -33.51
CA ASN B 29 -7.94 1.62 -34.01
C ASN B 29 -9.24 1.19 -33.36
N ALA B 30 -9.17 0.44 -32.25
CA ALA B 30 -10.36 -0.15 -31.66
C ALA B 30 -11.43 0.91 -31.39
N VAL B 31 -11.00 2.06 -30.83
CA VAL B 31 -11.89 3.14 -30.45
C VAL B 31 -12.54 3.77 -31.68
N LEU B 32 -11.72 4.11 -32.68
CA LEU B 32 -12.22 4.78 -33.88
C LEU B 32 -13.22 3.88 -34.60
N ILE B 33 -12.87 2.59 -34.71
CA ILE B 33 -13.70 1.63 -35.42
C ILE B 33 -15.05 1.52 -34.72
N LEU B 34 -15.01 1.29 -33.40
CA LEU B 34 -16.24 0.99 -32.67
C LEU B 34 -17.13 2.24 -32.54
N GLU B 35 -16.50 3.42 -32.41
CA GLU B 35 -17.30 4.64 -32.33
C GLU B 35 -17.91 5.02 -33.68
N THR B 36 -17.20 4.72 -34.79
CA THR B 36 -17.73 4.92 -36.13
C THR B 36 -19.01 4.10 -36.30
N ALA B 37 -18.96 2.82 -35.90
CA ALA B 37 -20.13 1.95 -35.93
C ALA B 37 -21.23 2.49 -35.02
N LEU B 38 -20.87 3.03 -33.84
CA LEU B 38 -21.89 3.61 -32.96
C LEU B 38 -22.64 4.71 -33.70
N HIS B 39 -21.89 5.61 -34.35
CA HIS B 39 -22.48 6.70 -35.13
C HIS B 39 -23.41 6.15 -36.21
N LEU B 40 -22.94 5.17 -36.97
CA LEU B 40 -23.72 4.62 -38.08
C LEU B 40 -24.97 3.95 -37.55
N VAL B 41 -24.88 3.32 -36.37
CA VAL B 41 -26.05 2.76 -35.71
C VAL B 41 -27.05 3.87 -35.35
N GLU B 42 -26.56 4.97 -34.75
CA GLU B 42 -27.39 6.10 -34.36
C GLU B 42 -28.09 6.70 -35.58
N LYS B 43 -27.36 6.74 -36.71
CA LYS B 43 -27.80 7.35 -37.96
C LYS B 43 -28.87 6.50 -38.65
N TYR B 44 -28.60 5.19 -38.80
CA TYR B 44 -29.35 4.34 -39.70
C TYR B 44 -30.32 3.39 -38.98
N LEU B 45 -30.24 3.27 -37.64
CA LEU B 45 -31.02 2.23 -36.98
C LEU B 45 -31.99 2.78 -35.94
N GLY B 46 -31.68 3.91 -35.30
CA GLY B 46 -32.55 4.40 -34.26
C GLY B 46 -31.80 5.17 -33.18
N LYS B 47 -32.17 4.95 -31.92
CA LYS B 47 -31.52 5.66 -30.84
C LYS B 47 -30.79 4.71 -29.89
N ILE B 48 -29.49 4.96 -29.69
CA ILE B 48 -28.71 4.27 -28.67
C ILE B 48 -29.13 4.75 -27.28
N ILE B 49 -29.62 3.82 -26.45
CA ILE B 49 -30.13 4.17 -25.13
C ILE B 49 -29.40 3.38 -24.05
N ASN B 50 -28.39 2.58 -24.43
CA ASN B 50 -27.55 1.89 -23.46
C ASN B 50 -26.25 1.43 -24.13
N THR B 51 -25.17 1.35 -23.35
CA THR B 51 -23.89 0.83 -23.81
C THR B 51 -23.24 0.13 -22.62
N SER B 52 -22.33 -0.81 -22.90
CA SER B 52 -21.51 -1.44 -21.89
C SER B 52 -20.17 -0.70 -21.87
N TYR B 53 -19.26 -1.09 -20.96
CA TYR B 53 -17.87 -0.73 -21.13
C TYR B 53 -17.34 -1.34 -22.44
N LEU B 54 -16.19 -0.84 -22.85
CA LEU B 54 -15.36 -1.48 -23.84
C LEU B 54 -14.53 -2.53 -23.13
N TYR B 55 -14.23 -3.65 -23.82
CA TYR B 55 -13.46 -4.73 -23.20
C TYR B 55 -12.43 -5.30 -24.16
N GLU B 56 -11.24 -5.58 -23.63
CA GLU B 56 -10.27 -6.36 -24.37
C GLU B 56 -10.37 -7.82 -23.94
N THR B 57 -10.65 -8.67 -24.92
CA THR B 57 -11.15 -10.02 -24.70
C THR B 57 -10.17 -11.04 -25.30
N VAL B 58 -9.88 -12.08 -24.52
CA VAL B 58 -9.19 -13.26 -25.03
C VAL B 58 -10.23 -14.35 -25.31
N PRO B 59 -10.27 -14.93 -26.53
CA PRO B 59 -11.26 -15.95 -26.87
C PRO B 59 -11.28 -17.17 -25.94
N GLU B 60 -12.34 -17.98 -26.08
CA GLU B 60 -12.68 -19.04 -25.14
C GLU B 60 -11.56 -20.07 -25.03
N TYR B 61 -10.93 -20.41 -26.17
CA TYR B 61 -9.99 -21.52 -26.26
C TYR B 61 -8.77 -21.31 -25.37
N ILE B 62 -8.08 -20.17 -25.55
CA ILE B 62 -7.00 -19.77 -24.65
C ILE B 62 -7.62 -19.29 -23.32
N VAL B 82 -6.53 2.36 -42.55
CA VAL B 82 -5.97 3.74 -42.67
C VAL B 82 -7.06 4.75 -42.30
N ASN B 83 -6.97 5.97 -42.83
CA ASN B 83 -7.88 7.06 -42.48
C ASN B 83 -8.83 7.37 -43.64
N TYR B 84 -9.52 6.32 -44.13
CA TYR B 84 -10.56 6.48 -45.13
C TYR B 84 -11.93 6.62 -44.46
N ILE B 85 -11.96 6.30 -43.16
CA ILE B 85 -13.16 6.46 -42.34
C ILE B 85 -13.50 7.94 -42.26
N ASN B 86 -12.45 8.77 -42.12
CA ASN B 86 -12.59 10.21 -42.07
C ASN B 86 -13.44 10.69 -43.25
N GLU B 87 -13.03 10.29 -44.47
CA GLU B 87 -13.69 10.72 -45.70
C GLU B 87 -15.07 10.08 -45.81
N LEU B 88 -15.16 8.79 -45.49
CA LEU B 88 -16.41 8.04 -45.52
C LEU B 88 -17.51 8.80 -44.79
N MET B 89 -17.21 9.33 -43.61
CA MET B 89 -18.17 10.05 -42.77
C MET B 89 -18.65 11.34 -43.44
N GLN B 90 -17.80 11.92 -44.30
CA GLN B 90 -18.12 13.18 -44.95
C GLN B 90 -19.17 12.99 -46.05
N ASN B 91 -19.19 11.79 -46.66
CA ASN B 91 -20.04 11.52 -47.80
C ASN B 91 -20.90 10.29 -47.52
N LEU B 92 -21.91 10.46 -46.65
CA LEU B 92 -22.79 9.36 -46.31
C LEU B 92 -24.18 9.68 -46.85
N GLU B 93 -24.94 8.62 -47.17
CA GLU B 93 -26.31 8.77 -47.60
C GLU B 93 -27.15 9.14 -46.39
N GLU B 94 -28.00 10.16 -46.56
CA GLU B 94 -28.92 10.58 -45.50
C GLU B 94 -29.85 9.43 -45.14
N SER B 95 -30.27 9.39 -43.88
CA SER B 95 -31.27 8.45 -43.40
C SER B 95 -32.65 8.93 -43.86
N LYS B 96 -33.65 8.03 -43.80
CA LYS B 96 -35.01 8.42 -44.13
C LYS B 96 -35.78 8.71 -42.85
N TYR B 97 -35.08 8.63 -41.71
CA TYR B 97 -35.74 8.83 -40.43
C TYR B 97 -35.15 10.03 -39.72
N GLU B 98 -36.01 10.70 -38.94
CA GLU B 98 -35.64 11.89 -38.20
C GLU B 98 -34.62 11.53 -37.12
N GLU B 99 -33.50 12.26 -37.12
CA GLU B 99 -32.54 12.27 -36.03
C GLU B 99 -32.85 13.45 -35.13
N ASN B 100 -33.11 13.20 -33.84
CA ASN B 100 -33.17 14.31 -32.89
C ASN B 100 -32.35 14.02 -31.65
N LYS B 101 -31.61 15.06 -31.22
CA LYS B 101 -30.65 14.97 -30.12
C LYS B 101 -31.31 15.29 -28.77
N GLU B 102 -32.64 15.46 -28.77
CA GLU B 102 -33.40 15.81 -27.57
C GLU B 102 -33.09 14.84 -26.43
N LEU B 103 -33.16 15.37 -25.20
CA LEU B 103 -32.93 14.60 -23.99
C LEU B 103 -34.21 13.85 -23.61
N ILE B 104 -34.04 12.63 -23.10
CA ILE B 104 -35.11 11.84 -22.52
C ILE B 104 -34.70 11.44 -21.10
N ASP B 105 -35.68 11.28 -20.22
CA ASP B 105 -35.41 10.78 -18.88
C ASP B 105 -35.99 9.37 -18.70
N LYS B 106 -36.61 8.84 -19.76
CA LYS B 106 -37.17 7.51 -19.69
C LYS B 106 -37.53 7.05 -21.10
N CYS B 107 -37.70 5.74 -21.24
CA CYS B 107 -38.08 5.15 -22.50
C CYS B 107 -38.93 3.92 -22.23
N GLU B 108 -40.26 4.08 -22.40
CA GLU B 108 -41.27 3.10 -22.04
C GLU B 108 -41.05 1.77 -22.77
N GLU B 109 -40.72 1.82 -24.07
CA GLU B 109 -40.47 0.60 -24.83
C GLU B 109 -39.28 -0.17 -24.25
N TYR B 110 -38.27 0.57 -23.74
CA TYR B 110 -37.13 -0.05 -23.09
C TYR B 110 -37.60 -0.70 -21.79
N GLU B 111 -38.41 0.03 -21.02
CA GLU B 111 -38.94 -0.44 -19.75
C GLU B 111 -39.69 -1.77 -19.98
N THR B 112 -40.46 -1.80 -21.06
CA THR B 112 -41.28 -2.93 -21.45
C THR B 112 -40.38 -4.12 -21.77
N PHE B 113 -39.34 -3.86 -22.57
CA PHE B 113 -38.40 -4.89 -22.95
C PHE B 113 -37.74 -5.51 -21.70
N LEU B 114 -37.33 -4.68 -20.73
CA LEU B 114 -36.62 -5.12 -19.54
C LEU B 114 -37.48 -6.00 -18.63
N LYS B 115 -38.73 -5.61 -18.41
CA LYS B 115 -39.69 -6.55 -17.85
C LYS B 115 -39.99 -7.51 -19.00
N ASN B 116 -41.06 -8.30 -18.93
CA ASN B 116 -41.39 -8.96 -20.18
C ASN B 116 -42.81 -8.58 -20.60
N GLY B 117 -43.02 -7.26 -20.74
CA GLY B 117 -44.34 -6.70 -21.02
C GLY B 117 -44.82 -7.10 -22.41
N LYS B 118 -46.15 -7.13 -22.58
CA LYS B 118 -46.72 -7.54 -23.86
C LYS B 118 -46.22 -6.61 -24.95
N VAL B 119 -45.71 -7.20 -26.02
CA VAL B 119 -45.27 -6.51 -27.22
C VAL B 119 -45.99 -7.17 -28.39
N ASP B 120 -46.11 -6.45 -29.52
CA ASP B 120 -46.69 -7.01 -30.72
C ASP B 120 -45.99 -8.32 -31.10
N ASN B 121 -46.75 -9.25 -31.71
CA ASN B 121 -46.24 -10.54 -32.12
C ASN B 121 -45.19 -10.36 -33.21
N SER B 122 -44.22 -11.28 -33.27
CA SER B 122 -43.15 -11.23 -34.24
C SER B 122 -43.73 -11.35 -35.66
N ILE B 123 -43.26 -10.51 -36.59
CA ILE B 123 -43.69 -10.67 -37.96
C ILE B 123 -42.95 -11.85 -38.57
N LEU B 124 -41.67 -12.04 -38.20
CA LEU B 124 -40.96 -13.23 -38.62
C LEU B 124 -41.48 -14.43 -37.83
N LYS B 125 -41.28 -15.63 -38.37
CA LYS B 125 -41.78 -16.84 -37.73
C LYS B 125 -40.86 -17.20 -36.57
N GLU B 126 -41.47 -17.52 -35.41
CA GLU B 126 -40.74 -17.91 -34.22
C GLU B 126 -40.62 -19.42 -34.10
N VAL B 127 -39.53 -19.87 -33.47
CA VAL B 127 -39.33 -21.26 -33.05
C VAL B 127 -39.62 -21.35 -31.54
N ASN B 128 -39.86 -22.57 -31.06
CA ASN B 128 -40.04 -22.81 -29.63
C ASN B 128 -38.67 -22.92 -28.96
N VAL B 129 -38.67 -22.92 -27.62
CA VAL B 129 -37.45 -22.92 -26.85
C VAL B 129 -36.58 -24.13 -27.20
N GLU B 130 -37.14 -25.35 -27.09
CA GLU B 130 -36.36 -26.56 -27.29
C GLU B 130 -35.72 -26.60 -28.68
N ASN B 131 -36.50 -26.23 -29.72
CA ASN B 131 -35.98 -26.24 -31.08
C ASN B 131 -34.85 -25.22 -31.23
N TYR B 132 -35.03 -24.07 -30.58
CA TYR B 132 -34.02 -23.01 -30.57
C TYR B 132 -32.71 -23.56 -30.01
N LEU B 133 -32.77 -24.20 -28.83
CA LEU B 133 -31.57 -24.62 -28.12
C LEU B 133 -30.81 -25.68 -28.92
N LEU B 134 -31.55 -26.56 -29.61
CA LEU B 134 -30.94 -27.59 -30.46
C LEU B 134 -30.23 -26.96 -31.65
N GLU B 135 -30.89 -25.98 -32.31
CA GLU B 135 -30.28 -25.34 -33.47
C GLU B 135 -29.00 -24.60 -33.07
N CYS B 136 -29.04 -23.86 -31.95
CA CYS B 136 -27.86 -23.15 -31.47
C CYS B 136 -26.76 -24.14 -31.11
N ASN B 137 -27.12 -25.23 -30.42
CA ASN B 137 -26.11 -26.19 -30.03
C ASN B 137 -25.42 -26.74 -31.29
N ASN B 138 -26.22 -26.97 -32.34
CA ASN B 138 -25.70 -27.50 -33.58
C ASN B 138 -24.62 -26.57 -34.13
N ILE B 139 -24.94 -25.26 -34.17
CA ILE B 139 -23.99 -24.29 -34.70
C ILE B 139 -22.71 -24.34 -33.89
N ILE B 140 -22.84 -24.51 -32.56
CA ILE B 140 -21.71 -24.45 -31.65
C ILE B 140 -20.81 -25.66 -31.89
N VAL B 141 -21.41 -26.85 -31.99
CA VAL B 141 -20.61 -28.07 -32.15
C VAL B 141 -19.93 -28.05 -33.53
N LYS B 142 -20.66 -27.53 -34.52
CA LYS B 142 -20.17 -27.42 -35.89
C LYS B 142 -18.99 -26.45 -35.97
N ASN B 143 -19.05 -25.34 -35.23
CA ASN B 143 -17.97 -24.37 -35.27
C ASN B 143 -16.76 -24.91 -34.50
N ASP B 144 -17.05 -25.68 -33.43
CA ASP B 144 -16.05 -26.38 -32.63
C ASP B 144 -15.21 -27.29 -33.51
N GLU B 145 -15.89 -28.17 -34.25
CA GLU B 145 -15.27 -29.12 -35.17
C GLU B 145 -14.35 -28.37 -36.14
N ILE B 146 -14.91 -27.40 -36.89
CA ILE B 146 -14.17 -26.69 -37.93
C ILE B 146 -12.85 -26.14 -37.36
N MET B 147 -12.86 -25.75 -36.09
CA MET B 147 -11.72 -25.10 -35.47
C MET B 147 -10.58 -26.09 -35.24
N LYS B 148 -10.92 -27.36 -34.97
CA LYS B 148 -9.95 -28.42 -34.76
C LYS B 148 -9.02 -28.51 -35.97
N ASN B 149 -9.60 -28.44 -37.17
CA ASN B 149 -8.84 -28.28 -38.40
C ASN B 149 -8.17 -26.91 -38.38
N SER B 161 -5.32 -13.63 -31.26
CA SER B 161 -5.66 -12.19 -31.33
C SER B 161 -6.53 -11.77 -30.14
N TYR B 162 -6.47 -10.49 -29.79
CA TYR B 162 -7.38 -9.89 -28.83
C TYR B 162 -8.64 -9.41 -29.56
N PHE B 163 -9.78 -9.50 -28.87
CA PHE B 163 -11.02 -8.92 -29.36
C PHE B 163 -11.38 -7.68 -28.52
N TYR B 164 -11.96 -6.69 -29.20
CA TYR B 164 -12.43 -5.45 -28.59
C TYR B 164 -13.93 -5.38 -28.84
N ASN B 165 -14.68 -5.24 -27.75
CA ASN B 165 -16.08 -5.59 -27.73
C ASN B 165 -16.87 -4.51 -26.98
N LEU B 166 -18.10 -4.29 -27.43
CA LEU B 166 -18.99 -3.36 -26.78
C LEU B 166 -20.41 -3.75 -27.17
N THR B 167 -21.34 -3.74 -26.21
CA THR B 167 -22.75 -3.88 -26.52
C THR B 167 -23.45 -2.51 -26.49
N VAL B 168 -24.61 -2.44 -27.16
CA VAL B 168 -25.47 -1.26 -27.23
C VAL B 168 -26.93 -1.73 -27.24
N VAL B 169 -27.80 -0.96 -26.57
CA VAL B 169 -29.24 -1.11 -26.75
C VAL B 169 -29.72 0.01 -27.66
N VAL B 170 -30.51 -0.37 -28.68
CA VAL B 170 -31.05 0.53 -29.69
C VAL B 170 -32.58 0.50 -29.62
N LYS B 171 -33.19 1.69 -29.54
CA LYS B 171 -34.61 1.82 -29.83
C LYS B 171 -34.71 2.07 -31.33
N THR B 172 -35.29 1.10 -32.06
CA THR B 172 -35.16 1.02 -33.51
C THR B 172 -36.52 1.15 -34.21
N PHE B 173 -36.48 1.69 -35.43
CA PHE B 173 -37.68 1.90 -36.24
C PHE B 173 -37.79 0.77 -37.26
N VAL B 174 -36.73 -0.05 -37.36
CA VAL B 174 -36.70 -1.19 -38.26
C VAL B 174 -37.72 -2.21 -37.77
N ASN B 175 -38.39 -2.89 -38.71
CA ASN B 175 -39.56 -3.69 -38.39
C ASN B 175 -39.21 -5.05 -37.80
N ASP B 176 -38.02 -5.59 -38.13
CA ASP B 176 -37.69 -6.96 -37.76
C ASP B 176 -36.19 -7.16 -37.76
N PRO B 177 -35.70 -8.23 -37.08
CA PRO B 177 -34.27 -8.53 -37.03
C PRO B 177 -33.65 -8.87 -38.38
N LEU B 178 -34.46 -9.39 -39.30
CA LEU B 178 -33.91 -9.70 -40.61
C LEU B 178 -33.65 -8.40 -41.37
N SER B 179 -34.61 -7.47 -41.34
CA SER B 179 -34.36 -6.18 -41.95
C SER B 179 -33.19 -5.49 -41.23
N MET B 180 -33.15 -5.60 -39.91
CA MET B 180 -32.08 -4.95 -39.17
C MET B 180 -30.73 -5.52 -39.59
N LEU B 181 -30.64 -6.85 -39.70
CA LEU B 181 -29.37 -7.46 -40.08
C LEU B 181 -28.93 -6.99 -41.46
N VAL B 182 -29.89 -6.82 -42.38
CA VAL B 182 -29.57 -6.33 -43.71
C VAL B 182 -28.90 -4.96 -43.61
N VAL B 183 -29.55 -4.03 -42.88
CA VAL B 183 -28.98 -2.70 -42.69
C VAL B 183 -27.63 -2.79 -41.98
N ILE B 184 -27.49 -3.70 -41.02
CA ILE B 184 -26.23 -3.86 -40.30
C ILE B 184 -25.15 -4.30 -41.28
N LYS B 185 -25.51 -5.24 -42.16
CA LYS B 185 -24.59 -5.73 -43.20
C LYS B 185 -24.17 -4.58 -44.10
N TYR B 186 -25.11 -3.68 -44.39
CA TYR B 186 -24.81 -2.47 -45.15
C TYR B 186 -23.76 -1.65 -44.40
N ILE B 187 -24.05 -1.35 -43.12
CA ILE B 187 -23.14 -0.61 -42.26
C ILE B 187 -21.74 -1.23 -42.27
N GLU B 188 -21.65 -2.56 -42.12
CA GLU B 188 -20.35 -3.20 -42.10
C GLU B 188 -19.60 -2.90 -43.40
N GLU B 189 -20.28 -3.10 -44.53
CA GLU B 189 -19.71 -2.92 -45.85
C GLU B 189 -19.25 -1.48 -46.03
N LEU B 190 -20.05 -0.51 -45.55
CA LEU B 190 -19.68 0.90 -45.66
C LEU B 190 -18.32 1.12 -45.02
N MET B 191 -18.03 0.39 -43.94
CA MET B 191 -16.81 0.59 -43.18
C MET B 191 -15.63 -0.11 -43.88
N LYS B 192 -15.96 -0.81 -44.97
CA LYS B 192 -15.01 -1.38 -45.94
C LYS B 192 -14.25 -2.55 -45.32
N ILE B 206 -12.65 -6.74 -39.38
CA ILE B 206 -12.37 -5.31 -39.00
C ILE B 206 -13.53 -4.75 -38.16
N ILE B 207 -14.77 -5.08 -38.53
CA ILE B 207 -15.93 -4.84 -37.70
C ILE B 207 -16.91 -6.01 -37.86
N ASP B 208 -17.52 -6.42 -36.74
CA ASP B 208 -18.50 -7.48 -36.68
C ASP B 208 -19.62 -6.98 -35.78
N ILE B 209 -20.82 -6.79 -36.36
CA ILE B 209 -21.98 -6.31 -35.63
C ILE B 209 -23.04 -7.41 -35.62
N ASP B 210 -23.37 -7.90 -34.42
CA ASP B 210 -24.27 -9.03 -34.22
C ASP B 210 -25.53 -8.52 -33.56
N ILE B 211 -26.66 -9.21 -33.80
CA ILE B 211 -27.86 -8.88 -33.07
C ILE B 211 -28.01 -9.90 -31.95
N LEU B 212 -28.03 -9.44 -30.70
CA LEU B 212 -28.08 -10.37 -29.60
C LEU B 212 -29.53 -10.61 -29.22
N PHE B 213 -30.32 -9.54 -29.17
CA PHE B 213 -31.71 -9.67 -28.81
C PHE B 213 -32.52 -8.73 -29.69
N PHE B 214 -33.79 -9.07 -29.87
CA PHE B 214 -34.72 -8.23 -30.59
C PHE B 214 -36.10 -8.47 -29.97
N ASN B 215 -36.56 -7.50 -29.18
CA ASN B 215 -37.74 -7.70 -28.37
C ASN B 215 -37.56 -9.04 -27.63
N ASP B 216 -38.69 -9.73 -27.40
CA ASP B 216 -38.69 -10.99 -26.70
C ASP B 216 -38.75 -12.15 -27.69
N PHE B 217 -38.36 -11.91 -28.95
CA PHE B 217 -38.51 -12.90 -30.01
C PHE B 217 -37.54 -14.06 -29.81
N THR B 218 -37.99 -15.26 -30.21
CA THR B 218 -37.16 -16.44 -30.32
C THR B 218 -37.24 -16.94 -31.77
N ILE B 219 -36.16 -16.76 -32.52
CA ILE B 219 -36.14 -17.01 -33.95
C ILE B 219 -34.91 -17.85 -34.30
N PHE B 220 -35.10 -18.83 -35.19
CA PHE B 220 -34.00 -19.50 -35.89
C PHE B 220 -34.44 -19.81 -37.32
N MET B 221 -33.85 -19.10 -38.29
CA MET B 221 -34.22 -19.25 -39.69
C MET B 221 -33.04 -19.86 -40.43
N LYS B 222 -33.23 -21.10 -40.93
CA LYS B 222 -32.14 -22.02 -41.19
C LYS B 222 -31.44 -21.74 -42.53
N ASN B 223 -32.21 -21.35 -43.55
CA ASN B 223 -31.60 -21.08 -44.84
C ASN B 223 -32.23 -19.84 -45.48
N ILE B 224 -31.36 -18.90 -45.85
CA ILE B 224 -31.74 -17.57 -46.28
C ILE B 224 -30.92 -17.21 -47.51
N LYS B 225 -31.63 -17.03 -48.63
CA LYS B 225 -31.08 -16.55 -49.88
C LYS B 225 -31.94 -15.37 -50.33
N LEU B 226 -31.46 -14.16 -50.02
CA LEU B 226 -32.15 -12.94 -50.42
C LEU B 226 -31.56 -12.48 -51.75
N GLU B 227 -32.45 -12.22 -52.72
CA GLU B 227 -32.03 -11.68 -54.01
C GLU B 227 -31.67 -10.21 -53.83
N LYS B 228 -30.75 -9.73 -54.67
CA LYS B 228 -30.30 -8.35 -54.67
C LYS B 228 -31.51 -7.40 -54.70
N ASN B 229 -32.58 -7.82 -55.39
CA ASN B 229 -33.84 -7.09 -55.44
C ASN B 229 -34.30 -6.79 -54.01
N MET B 230 -34.38 -7.84 -53.19
CA MET B 230 -34.95 -7.78 -51.86
C MET B 230 -34.12 -6.88 -50.93
N ILE B 231 -32.79 -7.04 -50.99
CA ILE B 231 -31.88 -6.25 -50.20
C ILE B 231 -32.12 -4.76 -50.47
N TYR B 232 -32.17 -4.40 -51.76
CA TYR B 232 -32.35 -3.02 -52.18
C TYR B 232 -33.62 -2.43 -51.56
N LYS B 233 -34.67 -3.24 -51.42
CA LYS B 233 -35.97 -2.72 -51.02
C LYS B 233 -36.01 -2.47 -49.51
N ILE B 234 -35.36 -3.38 -48.76
CA ILE B 234 -35.21 -3.25 -47.31
C ILE B 234 -34.41 -1.99 -47.01
N LEU B 235 -33.23 -1.89 -47.66
CA LEU B 235 -32.37 -0.73 -47.50
C LEU B 235 -33.14 0.56 -47.82
N SER B 236 -33.91 0.55 -48.92
CA SER B 236 -34.53 1.75 -49.46
C SER B 236 -35.62 2.25 -48.52
N LYS B 237 -36.14 1.35 -47.69
CA LYS B 237 -37.18 1.67 -46.74
C LYS B 237 -36.60 2.54 -45.62
N TYR B 238 -35.26 2.55 -45.47
CA TYR B 238 -34.64 3.18 -44.33
C TYR B 238 -33.56 4.18 -44.75
N ILE B 239 -32.94 3.96 -45.92
CA ILE B 239 -31.88 4.85 -46.38
C ILE B 239 -32.25 5.44 -47.74
N HIS B 240 -31.94 6.73 -47.94
CA HIS B 240 -32.03 7.39 -49.23
C HIS B 240 -30.82 6.98 -50.07
N LEU B 241 -30.98 5.92 -50.88
CA LEU B 241 -29.84 5.34 -51.58
C LEU B 241 -29.48 6.13 -52.84
N GLU B 242 -28.17 6.23 -53.10
CA GLU B 242 -27.61 6.91 -54.25
C GLU B 242 -27.89 6.10 -55.52
N PRO B 302 -22.16 2.56 -54.35
CA PRO B 302 -23.58 2.50 -53.98
C PRO B 302 -24.30 1.24 -54.48
N GLN B 303 -23.73 0.60 -55.49
CA GLN B 303 -24.30 -0.59 -56.12
C GLN B 303 -23.37 -1.78 -55.88
N GLU B 304 -22.06 -1.50 -55.79
CA GLU B 304 -21.01 -2.49 -55.63
C GLU B 304 -21.12 -3.19 -54.28
N ILE B 305 -21.90 -2.61 -53.36
CA ILE B 305 -21.98 -3.05 -51.98
C ILE B 305 -22.98 -4.21 -51.87
N ILE B 306 -24.15 -4.05 -52.47
CA ILE B 306 -25.27 -4.98 -52.34
C ILE B 306 -24.82 -6.38 -52.78
N ASN B 307 -23.81 -6.44 -53.64
CA ASN B 307 -23.33 -7.68 -54.23
C ASN B 307 -22.74 -8.60 -53.15
N ASN B 308 -21.77 -8.07 -52.40
CA ASN B 308 -21.06 -8.80 -51.36
C ASN B 308 -22.04 -9.32 -50.32
N MET B 309 -23.17 -8.61 -50.17
CA MET B 309 -24.12 -8.80 -49.09
C MET B 309 -24.96 -10.05 -49.30
N VAL B 310 -25.16 -10.46 -50.57
CA VAL B 310 -26.14 -11.49 -50.92
C VAL B 310 -25.90 -12.78 -50.13
N ASP B 311 -24.64 -13.22 -50.08
CA ASP B 311 -24.28 -14.51 -49.53
C ASP B 311 -24.08 -14.42 -48.01
N ASN B 312 -23.95 -13.18 -47.51
CA ASN B 312 -23.43 -12.92 -46.17
C ASN B 312 -24.41 -13.36 -45.09
N ILE B 313 -25.72 -13.39 -45.41
CA ILE B 313 -26.74 -13.74 -44.45
C ILE B 313 -27.22 -15.16 -44.75
N GLU B 314 -26.65 -16.13 -44.01
CA GLU B 314 -26.93 -17.54 -44.23
C GLU B 314 -28.10 -17.96 -43.36
N PHE B 315 -28.22 -17.36 -42.17
CA PHE B 315 -29.30 -17.69 -41.24
C PHE B 315 -29.48 -16.55 -40.25
N LEU B 316 -30.58 -16.58 -39.49
CA LEU B 316 -30.82 -15.62 -38.44
C LEU B 316 -31.12 -16.35 -37.13
N SER B 317 -30.32 -16.06 -36.10
CA SER B 317 -30.57 -16.60 -34.77
C SER B 317 -30.83 -15.45 -33.79
N ILE B 318 -32.04 -15.41 -33.23
CA ILE B 318 -32.34 -14.50 -32.14
C ILE B 318 -32.91 -15.31 -30.99
N PRO B 319 -32.33 -15.25 -29.77
CA PRO B 319 -31.08 -14.54 -29.52
C PRO B 319 -29.89 -15.09 -30.30
N HIS B 320 -28.84 -14.30 -30.44
CA HIS B 320 -27.62 -14.75 -31.07
C HIS B 320 -27.21 -16.10 -30.46
N VAL B 321 -26.61 -16.95 -31.30
CA VAL B 321 -26.22 -18.30 -30.94
C VAL B 321 -25.30 -18.26 -29.72
N TYR B 322 -24.48 -17.20 -29.63
CA TYR B 322 -23.37 -17.23 -28.70
C TYR B 322 -23.66 -16.50 -27.39
N THR B 323 -24.89 -15.98 -27.23
CA THR B 323 -25.24 -15.07 -26.14
C THR B 323 -24.80 -15.59 -24.77
N THR B 324 -24.93 -16.89 -24.55
CA THR B 324 -24.78 -17.55 -23.27
C THR B 324 -23.45 -18.29 -23.24
N HIS B 325 -22.80 -18.40 -24.40
CA HIS B 325 -21.65 -19.26 -24.56
C HIS B 325 -20.36 -18.45 -24.45
N ARG B 326 -20.38 -17.22 -24.96
CA ARG B 326 -19.19 -16.36 -24.91
C ARG B 326 -19.22 -15.51 -23.65
N TYR B 327 -18.18 -15.66 -22.83
CA TYR B 327 -17.98 -14.80 -21.66
C TYR B 327 -18.05 -13.32 -22.06
N SER B 328 -17.38 -12.96 -23.16
CA SER B 328 -17.24 -11.57 -23.56
C SER B 328 -18.62 -10.95 -23.80
N ILE B 329 -19.62 -11.75 -24.19
CA ILE B 329 -20.95 -11.19 -24.38
C ILE B 329 -21.63 -11.03 -23.02
N LEU B 330 -21.61 -12.07 -22.20
CA LEU B 330 -22.23 -11.98 -20.88
C LEU B 330 -21.64 -10.79 -20.11
N LEU B 331 -20.33 -10.61 -20.19
CA LEU B 331 -19.58 -9.54 -19.55
C LEU B 331 -20.18 -8.16 -19.90
N CYS B 332 -20.38 -7.90 -21.20
CA CYS B 332 -20.96 -6.65 -21.70
C CYS B 332 -22.43 -6.50 -21.31
N LEU B 333 -23.25 -7.54 -21.49
CA LEU B 333 -24.67 -7.46 -21.15
C LEU B 333 -24.85 -7.22 -19.66
N ASN B 334 -23.91 -7.73 -18.84
CA ASN B 334 -24.03 -7.61 -17.39
C ASN B 334 -23.92 -6.15 -16.96
N ASP B 335 -23.26 -5.30 -17.78
CA ASP B 335 -23.11 -3.89 -17.48
C ASP B 335 -24.43 -3.16 -17.72
N MET B 336 -25.16 -3.58 -18.77
CA MET B 336 -26.33 -2.87 -19.29
C MET B 336 -27.60 -3.39 -18.65
N ILE B 337 -27.82 -4.72 -18.67
CA ILE B 337 -29.13 -5.28 -18.39
C ILE B 337 -28.99 -6.50 -17.50
N PRO B 338 -28.39 -6.35 -16.29
CA PRO B 338 -28.11 -7.49 -15.42
C PRO B 338 -29.37 -8.27 -15.02
N GLU B 339 -30.52 -7.59 -14.96
CA GLU B 339 -31.72 -8.22 -14.45
C GLU B 339 -32.56 -8.84 -15.55
N TYR B 340 -32.15 -8.68 -16.83
CA TYR B 340 -32.91 -9.18 -17.95
C TYR B 340 -32.94 -10.71 -17.94
N LYS B 341 -34.14 -11.26 -18.18
CA LYS B 341 -34.30 -12.68 -18.46
C LYS B 341 -35.16 -12.89 -19.70
N HIS B 342 -34.57 -13.54 -20.70
CA HIS B 342 -35.24 -13.99 -21.91
C HIS B 342 -35.79 -15.40 -21.67
N ASN B 343 -36.77 -15.82 -22.48
CA ASN B 343 -37.46 -17.10 -22.35
C ASN B 343 -36.49 -18.26 -22.53
N VAL B 344 -35.51 -18.06 -23.42
CA VAL B 344 -34.51 -19.05 -23.78
C VAL B 344 -33.48 -19.20 -22.67
N LEU B 345 -33.36 -18.21 -21.78
CA LEU B 345 -32.26 -18.22 -20.82
C LEU B 345 -32.73 -18.88 -19.53
N ASN B 346 -31.80 -19.59 -18.88
CA ASN B 346 -32.09 -20.30 -17.63
C ASN B 346 -32.25 -19.31 -16.48
N ASN B 347 -31.61 -18.15 -16.60
CA ASN B 347 -31.59 -17.18 -15.52
C ASN B 347 -31.30 -15.79 -16.08
N THR B 348 -31.31 -14.80 -15.18
CA THR B 348 -30.95 -13.44 -15.51
C THR B 348 -29.49 -13.39 -16.00
N ILE B 349 -29.22 -12.37 -16.82
CA ILE B 349 -27.90 -12.03 -17.29
C ILE B 349 -26.90 -12.06 -16.13
N ARG B 350 -27.21 -11.37 -15.02
CA ARG B 350 -26.29 -11.29 -13.91
C ARG B 350 -25.99 -12.69 -13.36
N CYS B 351 -27.02 -13.53 -13.18
CA CYS B 351 -26.80 -14.85 -12.61
C CYS B 351 -25.95 -15.73 -13.55
N LEU B 352 -26.21 -15.65 -14.87
CA LEU B 352 -25.43 -16.37 -15.87
C LEU B 352 -23.99 -15.85 -15.88
N TYR B 353 -23.83 -14.52 -15.78
CA TYR B 353 -22.49 -13.98 -15.72
C TYR B 353 -21.75 -14.55 -14.50
N ASN B 354 -22.36 -14.49 -13.31
CA ASN B 354 -21.70 -14.90 -12.06
C ASN B 354 -21.35 -16.39 -12.11
N LYS B 355 -22.23 -17.18 -12.74
CA LYS B 355 -22.04 -18.62 -12.76
C LYS B 355 -20.87 -18.97 -13.66
N TYR B 356 -20.72 -18.22 -14.76
CA TYR B 356 -19.63 -18.42 -15.68
C TYR B 356 -18.30 -18.16 -14.97
N VAL B 357 -18.24 -17.07 -14.20
CA VAL B 357 -17.04 -16.67 -13.51
C VAL B 357 -16.67 -17.76 -12.50
N SER B 358 -17.64 -18.19 -11.69
CA SER B 358 -17.33 -19.06 -10.59
C SER B 358 -17.05 -20.49 -11.09
N ARG B 359 -17.68 -20.90 -12.18
CA ARG B 359 -17.37 -22.18 -12.77
C ARG B 359 -15.98 -22.18 -13.43
N MET B 360 -15.55 -21.06 -14.05
CA MET B 360 -14.20 -21.04 -14.57
C MET B 360 -13.19 -21.22 -13.43
N LYS B 361 -13.50 -20.61 -12.27
CA LYS B 361 -12.68 -20.75 -11.08
C LYS B 361 -12.67 -22.21 -10.61
N GLU B 362 -13.86 -22.77 -10.33
CA GLU B 362 -14.01 -24.05 -9.66
C GLU B 362 -13.54 -25.19 -10.56
N GLN B 363 -13.84 -25.12 -11.86
CA GLN B 363 -13.70 -26.24 -12.77
C GLN B 363 -12.36 -26.22 -13.50
N TYR B 364 -11.87 -25.03 -13.86
CA TYR B 364 -10.67 -24.97 -14.68
C TYR B 364 -9.56 -24.22 -13.97
N ASN B 365 -9.83 -23.74 -12.75
CA ASN B 365 -8.86 -22.96 -12.00
C ASN B 365 -8.39 -21.74 -12.79
N ILE B 366 -9.32 -21.04 -13.45
CA ILE B 366 -8.99 -19.85 -14.20
C ILE B 366 -9.69 -18.64 -13.56
N ASN B 367 -8.97 -17.51 -13.43
CA ASN B 367 -9.64 -16.25 -13.15
C ASN B 367 -9.89 -15.55 -14.49
N ILE B 368 -11.16 -15.61 -14.94
CA ILE B 368 -11.57 -15.22 -16.29
C ILE B 368 -11.48 -13.70 -16.44
N LYS B 369 -11.42 -12.99 -15.30
CA LYS B 369 -11.30 -11.54 -15.31
C LYS B 369 -9.90 -11.12 -15.75
N GLU B 370 -8.89 -11.92 -15.42
CA GLU B 370 -7.48 -11.67 -15.64
C GLU B 370 -7.21 -11.17 -17.05
N ASN B 371 -7.80 -11.85 -18.05
CA ASN B 371 -7.51 -11.53 -19.44
C ASN B 371 -8.76 -11.00 -20.15
N ASN B 372 -9.69 -10.41 -19.39
CA ASN B 372 -10.85 -9.79 -20.00
C ASN B 372 -11.01 -8.42 -19.36
N LYS B 373 -10.34 -7.42 -19.96
CA LYS B 373 -10.04 -6.16 -19.28
C LYS B 373 -11.07 -5.10 -19.65
N ARG B 374 -11.63 -4.48 -18.61
CA ARG B 374 -12.47 -3.30 -18.74
C ARG B 374 -11.63 -2.11 -19.23
N ILE B 375 -12.18 -1.39 -20.23
CA ILE B 375 -11.49 -0.25 -20.82
C ILE B 375 -12.32 1.02 -20.60
N TYR B 376 -11.65 2.16 -20.35
CA TYR B 376 -12.31 3.46 -20.43
C TYR B 376 -11.56 4.33 -21.46
N VAL B 377 -12.21 5.43 -21.91
CA VAL B 377 -11.56 6.26 -22.93
C VAL B 377 -11.53 7.73 -22.49
N LEU B 378 -10.34 8.33 -22.50
CA LEU B 378 -10.20 9.73 -22.13
C LEU B 378 -10.34 10.62 -23.36
N LYS B 379 -9.69 10.21 -24.45
CA LYS B 379 -9.70 11.01 -25.66
C LYS B 379 -10.07 10.13 -26.85
N ASP B 380 -9.09 9.43 -27.41
CA ASP B 380 -9.29 8.60 -28.58
C ASP B 380 -8.50 7.29 -28.45
N ARG B 381 -7.94 7.02 -27.27
CA ARG B 381 -7.14 5.82 -27.05
C ARG B 381 -7.71 4.99 -25.90
N ILE B 382 -7.44 3.68 -25.96
CA ILE B 382 -7.71 2.69 -24.93
C ILE B 382 -6.91 3.00 -23.65
N SER B 383 -7.61 3.03 -22.51
CA SER B 383 -6.99 2.98 -21.19
C SER B 383 -7.57 1.77 -20.47
N TYR B 384 -6.71 0.95 -19.88
CA TYR B 384 -7.21 -0.18 -19.11
C TYR B 384 -7.59 0.30 -17.73
N LEU B 385 -8.86 0.08 -17.34
CA LEU B 385 -9.33 0.52 -16.05
C LEU B 385 -8.40 -0.06 -14.97
N LYS B 386 -7.94 0.80 -14.07
CA LYS B 386 -7.21 0.40 -12.86
C LYS B 386 -5.74 0.08 -13.16
N GLU B 387 -5.26 0.32 -14.38
CA GLU B 387 -3.88 -0.03 -14.71
C GLU B 387 -2.90 1.15 -14.61
N LYS B 388 -3.41 2.37 -14.41
CA LYS B 388 -2.56 3.55 -14.33
C LYS B 388 -3.25 4.66 -13.55
N THR B 389 -2.50 5.34 -12.68
CA THR B 389 -2.90 6.58 -12.05
C THR B 389 -2.36 7.74 -12.88
N ASN B 390 -3.27 8.43 -13.59
CA ASN B 390 -2.93 9.55 -14.46
C ASN B 390 -2.94 10.86 -13.66
N ILE B 391 -1.99 11.75 -14.00
CA ILE B 391 -1.93 13.05 -13.36
C ILE B 391 -2.70 14.06 -14.20
N VAL B 392 -3.63 14.76 -13.55
CA VAL B 392 -4.34 15.84 -14.19
C VAL B 392 -3.82 17.13 -13.57
N GLY B 393 -3.10 17.93 -14.37
CA GLY B 393 -2.53 19.18 -13.87
C GLY B 393 -3.54 20.33 -13.94
N ILE B 394 -3.55 21.16 -12.89
CA ILE B 394 -4.60 22.15 -12.69
C ILE B 394 -4.14 23.50 -13.24
N LEU B 395 -4.95 24.10 -14.12
CA LEU B 395 -4.73 25.50 -14.50
C LEU B 395 -5.99 26.29 -14.21
N ASN B 396 -5.99 27.01 -13.09
CA ASN B 396 -7.08 27.90 -12.73
C ASN B 396 -6.67 29.31 -13.14
N VAL B 397 -7.34 29.85 -14.17
CA VAL B 397 -6.91 31.10 -14.76
C VAL B 397 -7.12 32.26 -13.77
N ASN B 398 -8.27 32.26 -13.09
CA ASN B 398 -8.53 33.19 -12.00
C ASN B 398 -7.34 33.25 -11.05
N TYR B 399 -6.97 32.09 -10.48
CA TYR B 399 -5.88 32.04 -9.51
C TYR B 399 -4.61 32.56 -10.15
N ASP B 400 -4.27 32.01 -11.31
CA ASP B 400 -3.01 32.23 -11.99
C ASP B 400 -2.79 33.72 -12.27
N SER B 401 -3.88 34.48 -12.44
CA SER B 401 -3.87 35.86 -12.91
C SER B 401 -4.00 36.85 -11.75
N PHE B 402 -4.91 36.57 -10.80
CA PHE B 402 -5.37 37.57 -9.84
C PHE B 402 -4.90 37.25 -8.41
N SER B 403 -4.13 36.18 -8.23
CA SER B 403 -3.51 35.88 -6.95
C SER B 403 -2.33 36.84 -6.70
N ASP B 404 -1.68 37.24 -7.80
CA ASP B 404 -0.80 38.38 -7.98
C ASP B 404 -1.20 39.56 -7.06
N GLY B 405 -2.52 39.80 -6.97
CA GLY B 405 -3.06 41.12 -6.70
C GLY B 405 -3.32 41.89 -7.99
N GLY B 406 -2.89 41.32 -9.13
CA GLY B 406 -3.01 41.93 -10.44
C GLY B 406 -4.47 41.98 -10.91
N ILE B 407 -4.69 42.66 -12.04
CA ILE B 407 -6.04 42.89 -12.54
C ILE B 407 -6.16 42.39 -13.97
N PHE B 408 -5.03 42.01 -14.58
CA PHE B 408 -5.08 41.54 -15.95
C PHE B 408 -4.83 40.04 -16.04
N VAL B 409 -5.57 39.40 -16.95
CA VAL B 409 -5.27 38.05 -17.39
C VAL B 409 -3.92 38.07 -18.10
N GLU B 410 -3.20 36.96 -18.03
CA GLU B 410 -1.91 36.83 -18.70
C GLU B 410 -1.87 35.54 -19.52
N PRO B 411 -2.47 35.50 -20.72
CA PRO B 411 -2.64 34.24 -21.44
C PRO B 411 -1.31 33.54 -21.72
N LYS B 412 -0.25 34.32 -21.98
CA LYS B 412 1.05 33.76 -22.34
C LYS B 412 1.64 33.03 -21.14
N ARG B 413 1.48 33.62 -19.95
CA ARG B 413 1.91 33.02 -18.69
C ARG B 413 1.09 31.74 -18.46
N ALA B 414 -0.21 31.78 -18.78
CA ALA B 414 -1.09 30.62 -18.66
C ALA B 414 -0.56 29.48 -19.51
N VAL B 415 -0.27 29.77 -20.79
CA VAL B 415 0.12 28.73 -21.73
C VAL B 415 1.50 28.18 -21.37
N GLN B 416 2.39 29.04 -20.86
CA GLN B 416 3.69 28.65 -20.41
C GLN B 416 3.54 27.57 -19.33
N ARG B 417 2.65 27.84 -18.36
CA ARG B 417 2.34 26.94 -17.26
C ARG B 417 1.83 25.59 -17.78
N MET B 418 1.00 25.62 -18.84
CA MET B 418 0.50 24.40 -19.46
C MET B 418 1.64 23.57 -20.03
N PHE B 419 2.64 24.24 -20.63
CA PHE B 419 3.78 23.54 -21.20
C PHE B 419 4.64 22.94 -20.08
N GLU B 420 4.81 23.69 -19.01
CA GLU B 420 5.53 23.25 -17.83
C GLU B 420 4.91 21.95 -17.27
N MET B 421 3.57 21.90 -17.17
CA MET B 421 2.92 20.75 -16.55
C MET B 421 3.04 19.53 -17.45
N ILE B 422 3.01 19.74 -18.76
CA ILE B 422 3.23 18.66 -19.71
C ILE B 422 4.64 18.09 -19.50
N ASN B 423 5.64 18.96 -19.44
CA ASN B 423 7.02 18.57 -19.23
C ASN B 423 7.20 17.92 -17.86
N GLU B 424 6.35 18.28 -16.89
CA GLU B 424 6.47 17.72 -15.55
C GLU B 424 5.82 16.34 -15.46
N GLY B 425 5.04 15.96 -16.48
CA GLY B 425 4.52 14.60 -16.62
C GLY B 425 2.99 14.49 -16.49
N ALA B 426 2.26 15.61 -16.54
CA ALA B 426 0.80 15.54 -16.59
C ALA B 426 0.32 14.91 -17.90
N SER B 427 -0.66 14.01 -17.81
CA SER B 427 -1.29 13.41 -18.97
C SER B 427 -2.49 14.26 -19.42
N VAL B 428 -3.08 14.96 -18.46
CA VAL B 428 -4.24 15.78 -18.72
C VAL B 428 -3.99 17.14 -18.12
N ILE B 429 -4.49 18.17 -18.78
CA ILE B 429 -4.57 19.49 -18.18
C ILE B 429 -6.04 19.85 -18.00
N ASP B 430 -6.40 20.25 -16.77
CA ASP B 430 -7.72 20.75 -16.41
C ASP B 430 -7.67 22.27 -16.33
N ILE B 431 -8.34 22.93 -17.28
CA ILE B 431 -8.34 24.38 -17.27
C ILE B 431 -9.70 24.84 -16.78
N GLY B 432 -9.71 25.87 -15.93
CA GLY B 432 -10.96 26.48 -15.52
C GLY B 432 -10.85 28.00 -15.32
N GLY B 433 -12.00 28.67 -15.44
CA GLY B 433 -12.13 30.09 -15.21
C GLY B 433 -13.30 30.43 -14.27
N GLU B 434 -13.88 29.39 -13.64
CA GLU B 434 -14.83 29.60 -12.56
C GLU B 434 -14.34 28.84 -11.32
N SER B 435 -13.83 29.59 -10.35
CA SER B 435 -13.29 29.03 -9.12
C SER B 435 -14.42 28.48 -8.26
N SER B 436 -14.19 27.34 -7.59
CA SER B 436 -15.28 26.70 -6.87
C SER B 436 -14.85 26.26 -5.47
N GLY B 437 -13.63 26.65 -5.07
CA GLY B 437 -13.14 26.41 -3.71
C GLY B 437 -13.89 27.26 -2.68
N PRO B 438 -13.71 26.99 -1.37
CA PRO B 438 -14.52 27.63 -0.34
C PRO B 438 -14.40 29.15 -0.35
N PHE B 439 -15.57 29.81 -0.40
CA PHE B 439 -15.79 31.22 -0.10
C PHE B 439 -15.16 32.15 -1.16
N VAL B 440 -14.85 31.60 -2.34
CA VAL B 440 -14.27 32.41 -3.41
C VAL B 440 -15.37 33.18 -4.14
N ILE B 441 -15.20 34.51 -4.19
CA ILE B 441 -16.00 35.38 -5.04
C ILE B 441 -15.26 35.52 -6.38
N PRO B 442 -15.94 35.28 -7.53
CA PRO B 442 -15.30 35.41 -8.84
C PRO B 442 -15.02 36.87 -9.19
N ASN B 443 -14.12 37.08 -10.15
CA ASN B 443 -13.95 38.41 -10.74
C ASN B 443 -15.18 38.69 -11.59
N PRO B 444 -16.10 39.57 -11.13
CA PRO B 444 -17.40 39.74 -11.79
C PRO B 444 -17.33 40.66 -13.01
N LYS B 445 -16.11 41.03 -13.40
CA LYS B 445 -15.89 42.03 -14.43
C LYS B 445 -15.37 41.39 -15.71
N ILE B 446 -14.74 40.22 -15.59
CA ILE B 446 -14.33 39.44 -16.76
C ILE B 446 -15.00 38.06 -16.73
N SER B 447 -15.52 37.64 -17.88
CA SER B 447 -16.37 36.46 -17.95
C SER B 447 -15.54 35.17 -17.92
N GLU B 448 -16.20 34.05 -17.59
CA GLU B 448 -15.59 32.72 -17.66
C GLU B 448 -15.04 32.47 -19.07
N ARG B 449 -15.87 32.76 -20.06
CA ARG B 449 -15.50 32.48 -21.44
C ARG B 449 -14.21 33.22 -21.80
N ASP B 450 -14.07 34.48 -21.34
CA ASP B 450 -12.91 35.30 -21.67
C ASP B 450 -11.69 34.89 -20.85
N LEU B 451 -11.90 34.23 -19.70
CA LEU B 451 -10.78 33.69 -18.94
C LEU B 451 -10.18 32.50 -19.66
N VAL B 452 -11.01 31.59 -20.18
CA VAL B 452 -10.49 30.30 -20.64
C VAL B 452 -10.31 30.25 -22.16
N VAL B 453 -11.27 30.76 -22.94
CA VAL B 453 -11.16 30.50 -24.37
C VAL B 453 -9.86 31.08 -24.95
N PRO B 454 -9.47 32.37 -24.69
CA PRO B 454 -8.22 32.90 -25.25
C PRO B 454 -7.01 32.03 -24.89
N VAL B 455 -6.94 31.59 -23.64
CA VAL B 455 -5.87 30.71 -23.18
C VAL B 455 -5.84 29.45 -24.04
N LEU B 456 -7.01 28.83 -24.22
CA LEU B 456 -7.06 27.56 -24.94
C LEU B 456 -6.68 27.76 -26.41
N GLN B 457 -7.08 28.92 -26.96
CA GLN B 457 -6.79 29.30 -28.34
C GLN B 457 -5.27 29.47 -28.53
N LEU B 458 -4.61 30.20 -27.61
CA LEU B 458 -3.17 30.39 -27.65
C LEU B 458 -2.46 29.05 -27.50
N PHE B 459 -2.96 28.18 -26.60
CA PHE B 459 -2.32 26.89 -26.43
C PHE B 459 -2.36 26.08 -27.72
N GLN B 460 -3.52 26.07 -28.38
CA GLN B 460 -3.72 25.32 -29.61
C GLN B 460 -2.70 25.83 -30.66
N LYS B 461 -2.55 27.16 -30.73
CA LYS B 461 -1.67 27.80 -31.70
C LYS B 461 -0.22 27.41 -31.44
N GLU B 462 0.24 27.54 -30.19
CA GLU B 462 1.60 27.18 -29.83
C GLU B 462 1.85 25.68 -30.05
N TRP B 463 0.87 24.84 -29.72
CA TRP B 463 1.09 23.41 -29.91
C TRP B 463 1.36 23.13 -31.38
N ASN B 464 0.56 23.78 -32.23
CA ASN B 464 0.56 23.57 -33.67
C ASN B 464 1.89 24.04 -34.27
N ASP B 465 2.50 25.06 -33.65
CA ASP B 465 3.79 25.58 -34.09
C ASP B 465 4.89 24.60 -33.70
N ILE B 466 4.84 23.41 -34.33
CA ILE B 466 5.78 22.33 -34.11
C ILE B 466 5.87 21.51 -35.40
N LYS B 467 7.10 21.36 -35.91
CA LYS B 467 7.33 20.57 -37.11
C LYS B 467 7.68 19.13 -36.71
N ASN B 468 6.77 18.20 -37.03
CA ASN B 468 6.89 16.78 -36.77
C ASN B 468 6.06 15.99 -37.78
N LYS B 469 6.58 14.83 -38.20
CA LYS B 469 5.84 13.90 -39.05
C LYS B 469 5.97 12.46 -38.52
N ILE B 470 7.00 12.23 -37.69
CA ILE B 470 7.22 10.94 -37.02
C ILE B 470 8.08 11.12 -35.77
N VAL B 471 8.50 12.37 -35.49
CA VAL B 471 9.43 12.67 -34.41
C VAL B 471 8.69 12.74 -33.07
N LYS B 472 7.64 13.57 -33.01
CA LYS B 472 6.88 13.84 -31.79
C LYS B 472 5.47 14.27 -32.17
N CYS B 473 4.57 13.30 -32.29
CA CYS B 473 3.27 13.51 -32.93
C CYS B 473 2.12 13.23 -31.96
N ASP B 474 2.34 12.30 -31.02
CA ASP B 474 1.27 11.85 -30.13
C ASP B 474 1.60 12.14 -28.68
N ALA B 475 2.46 13.15 -28.43
CA ALA B 475 2.79 13.57 -27.08
C ALA B 475 1.80 14.63 -26.59
N LYS B 476 0.68 14.80 -27.31
CA LYS B 476 -0.25 15.88 -27.02
C LYS B 476 -1.04 15.55 -25.75
N PRO B 477 -1.07 16.47 -24.76
CA PRO B 477 -1.86 16.25 -23.56
C PRO B 477 -3.34 16.38 -23.90
N ILE B 478 -4.14 15.59 -23.19
CA ILE B 478 -5.58 15.65 -23.24
C ILE B 478 -5.96 16.92 -22.48
N ILE B 479 -6.96 17.65 -23.00
CA ILE B 479 -7.39 18.88 -22.38
C ILE B 479 -8.78 18.70 -21.77
N SER B 480 -8.89 19.04 -20.49
CA SER B 480 -10.14 19.01 -19.79
C SER B 480 -10.58 20.44 -19.41
N ILE B 481 -11.86 20.75 -19.57
CA ILE B 481 -12.35 22.06 -19.16
C ILE B 481 -13.29 21.92 -17.96
N ASP B 482 -12.95 22.59 -16.88
CA ASP B 482 -13.74 22.64 -15.66
C ASP B 482 -14.82 23.70 -15.85
N THR B 483 -15.95 23.29 -16.40
CA THR B 483 -17.08 24.20 -16.59
C THR B 483 -18.41 23.48 -16.34
N ILE B 484 -19.45 24.25 -16.02
CA ILE B 484 -20.82 23.75 -15.98
C ILE B 484 -21.62 24.47 -17.06
N ASN B 485 -20.91 25.26 -17.88
CA ASN B 485 -21.59 26.23 -18.72
C ASN B 485 -21.65 25.75 -20.16
N TYR B 486 -22.89 25.53 -20.61
CA TYR B 486 -23.18 25.13 -21.99
C TYR B 486 -22.44 26.00 -23.01
N ASN B 487 -22.59 27.33 -22.92
CA ASN B 487 -22.05 28.22 -23.96
C ASN B 487 -20.53 28.12 -24.03
N VAL B 488 -19.87 28.05 -22.86
CA VAL B 488 -18.43 27.92 -22.80
C VAL B 488 -18.03 26.60 -23.44
N PHE B 489 -18.65 25.49 -22.99
CA PHE B 489 -18.29 24.20 -23.53
C PHE B 489 -18.51 24.14 -25.03
N LYS B 490 -19.63 24.71 -25.52
CA LYS B 490 -19.94 24.70 -26.94
C LYS B 490 -18.85 25.38 -27.78
N GLU B 491 -18.40 26.56 -27.35
CA GLU B 491 -17.39 27.28 -28.12
C GLU B 491 -16.09 26.49 -28.12
N CYS B 492 -15.81 25.74 -27.04
CA CYS B 492 -14.58 24.98 -26.95
C CYS B 492 -14.62 23.79 -27.90
N VAL B 493 -15.74 23.05 -27.93
CA VAL B 493 -15.77 21.89 -28.82
C VAL B 493 -15.86 22.31 -30.28
N ASP B 494 -16.60 23.40 -30.57
CA ASP B 494 -16.74 23.88 -31.94
C ASP B 494 -15.36 24.18 -32.53
N ASN B 495 -14.44 24.67 -31.70
CA ASN B 495 -13.14 25.14 -32.12
C ASN B 495 -12.05 24.10 -31.81
N ASP B 496 -12.45 22.91 -31.32
CA ASP B 496 -11.55 21.80 -31.02
C ASP B 496 -10.51 22.21 -29.99
N LEU B 497 -10.96 22.86 -28.91
CA LEU B 497 -10.03 23.36 -27.92
C LEU B 497 -9.88 22.38 -26.76
N VAL B 498 -10.79 21.38 -26.67
CA VAL B 498 -10.88 20.54 -25.49
C VAL B 498 -11.25 19.11 -25.88
N ASP B 499 -10.92 18.15 -24.99
CA ASP B 499 -11.30 16.76 -25.10
C ASP B 499 -12.35 16.34 -24.06
N ILE B 500 -12.32 16.90 -22.85
CA ILE B 500 -13.08 16.34 -21.74
C ILE B 500 -13.88 17.45 -21.08
N LEU B 501 -15.19 17.20 -20.84
CA LEU B 501 -15.95 18.04 -19.94
C LEU B 501 -15.74 17.58 -18.50
N ASN B 502 -15.32 18.53 -17.65
CA ASN B 502 -15.25 18.32 -16.22
C ASN B 502 -16.37 19.13 -15.56
N ASP B 503 -17.50 18.47 -15.24
CA ASP B 503 -18.71 19.17 -14.81
C ASP B 503 -18.96 18.88 -13.32
N ILE B 504 -18.62 19.85 -12.47
CA ILE B 504 -18.72 19.67 -11.02
C ILE B 504 -20.18 19.60 -10.56
N SER B 505 -21.15 19.87 -11.45
CA SER B 505 -22.56 19.70 -11.10
C SER B 505 -23.09 18.34 -11.55
N ALA B 506 -22.21 17.50 -12.10
CA ALA B 506 -22.59 16.24 -12.76
C ALA B 506 -23.67 16.50 -13.82
N CYS B 507 -23.54 17.65 -14.51
CA CYS B 507 -24.39 18.02 -15.63
C CYS B 507 -25.83 18.25 -15.16
N THR B 508 -26.02 18.64 -13.88
CA THR B 508 -27.34 19.01 -13.43
C THR B 508 -27.58 20.51 -13.59
N ASN B 509 -26.52 21.34 -13.69
CA ASN B 509 -26.72 22.78 -13.90
C ASN B 509 -27.43 23.00 -15.23
N ASN B 510 -27.02 22.27 -16.26
CA ASN B 510 -27.62 22.42 -17.58
C ASN B 510 -27.50 21.08 -18.31
N PRO B 511 -28.48 20.15 -18.15
CA PRO B 511 -28.39 18.82 -18.76
C PRO B 511 -28.19 18.84 -20.27
N GLU B 512 -28.49 19.97 -20.94
CA GLU B 512 -28.33 20.09 -22.38
C GLU B 512 -26.85 19.98 -22.78
N ILE B 513 -25.94 20.28 -21.84
CA ILE B 513 -24.50 20.22 -22.12
C ILE B 513 -24.14 18.82 -22.60
N ILE B 514 -24.97 17.83 -22.28
CA ILE B 514 -24.77 16.42 -22.57
C ILE B 514 -24.83 16.19 -24.08
N LYS B 515 -25.72 16.93 -24.77
CA LYS B 515 -25.83 16.86 -26.21
C LYS B 515 -24.54 17.32 -26.88
N LEU B 516 -23.76 18.14 -26.18
CA LEU B 516 -22.51 18.60 -26.74
C LEU B 516 -21.43 17.52 -26.68
N LEU B 517 -21.64 16.42 -25.93
CA LEU B 517 -20.60 15.38 -25.79
C LEU B 517 -20.62 14.44 -26.98
N LYS B 518 -21.52 14.72 -27.92
CA LYS B 518 -21.75 13.89 -29.10
C LYS B 518 -21.79 14.78 -30.34
N LYS B 519 -21.02 14.40 -31.35
CA LYS B 519 -21.15 14.99 -32.69
C LYS B 519 -21.36 13.87 -33.69
N LYS B 520 -21.39 14.22 -34.98
CA LYS B 520 -21.62 13.28 -36.07
C LYS B 520 -20.57 12.16 -36.04
N ASN B 521 -19.32 12.50 -35.70
CA ASN B 521 -18.22 11.55 -35.75
C ASN B 521 -17.48 11.49 -34.40
N LYS B 522 -17.65 12.53 -33.57
CA LYS B 522 -16.89 12.65 -32.33
C LYS B 522 -17.75 12.30 -31.13
N PHE B 523 -17.13 11.65 -30.15
CA PHE B 523 -17.66 11.60 -28.79
C PHE B 523 -16.67 12.30 -27.87
N TYR B 524 -17.18 12.91 -26.80
CA TYR B 524 -16.31 13.47 -25.77
C TYR B 524 -16.57 12.82 -24.42
N SER B 525 -15.49 12.74 -23.62
CA SER B 525 -15.57 12.15 -22.30
C SER B 525 -15.97 13.20 -21.29
N VAL B 526 -16.38 12.74 -20.11
CA VAL B 526 -16.99 13.64 -19.14
C VAL B 526 -16.69 13.13 -17.74
N VAL B 527 -16.34 14.07 -16.84
CA VAL B 527 -16.22 13.81 -15.43
C VAL B 527 -17.52 14.28 -14.76
N LEU B 528 -18.15 13.39 -13.98
CA LEU B 528 -19.29 13.77 -13.16
C LEU B 528 -18.87 13.80 -11.70
N MET B 529 -19.12 14.95 -11.07
CA MET B 529 -18.71 15.09 -9.67
C MET B 529 -19.94 15.32 -8.80
N HIS B 530 -19.89 14.81 -7.56
CA HIS B 530 -20.88 15.08 -6.53
C HIS B 530 -20.52 16.34 -5.73
N LYS B 531 -21.48 17.26 -5.62
CA LYS B 531 -21.44 18.36 -4.65
C LYS B 531 -22.87 18.65 -4.20
N ARG B 532 -22.99 19.49 -3.15
CA ARG B 532 -24.23 20.17 -2.82
C ARG B 532 -23.87 21.65 -2.64
N GLY B 533 -24.75 22.55 -3.07
CA GLY B 533 -24.57 23.96 -2.73
C GLY B 533 -23.54 24.68 -3.63
N ASN B 534 -23.05 25.82 -3.14
CA ASN B 534 -22.05 26.59 -3.87
C ASN B 534 -20.89 26.86 -2.93
N PRO B 535 -19.84 27.59 -3.37
CA PRO B 535 -18.71 27.92 -2.48
C PRO B 535 -19.12 28.51 -1.12
N HIS B 536 -20.22 29.27 -1.09
CA HIS B 536 -20.58 29.92 0.17
C HIS B 536 -21.43 29.02 1.08
N THR B 537 -22.15 28.04 0.52
CA THR B 537 -23.10 27.29 1.31
C THR B 537 -22.61 25.87 1.61
N MET B 538 -21.72 25.33 0.79
CA MET B 538 -21.50 23.89 0.77
C MET B 538 -21.01 23.35 2.11
N ASP B 539 -20.26 24.15 2.87
CA ASP B 539 -19.65 23.67 4.10
C ASP B 539 -20.71 23.36 5.16
N LYS B 540 -21.94 23.81 4.95
CA LYS B 540 -22.96 23.49 5.94
C LYS B 540 -23.93 22.44 5.42
N LEU B 541 -23.66 21.85 4.26
CA LEU B 541 -24.61 20.94 3.65
C LEU B 541 -24.12 19.51 3.80
N THR B 542 -24.01 19.09 5.05
CA THR B 542 -23.08 18.06 5.47
C THR B 542 -23.79 16.83 6.06
N ASN B 543 -25.13 16.86 6.06
CA ASN B 543 -25.88 15.74 6.61
C ASN B 543 -26.18 14.70 5.53
N TYR B 544 -25.70 13.48 5.76
CA TYR B 544 -25.91 12.40 4.81
C TYR B 544 -26.54 11.23 5.56
N ASP B 545 -27.55 10.62 4.95
CA ASP B 545 -28.07 9.38 5.48
C ASP B 545 -27.00 8.28 5.47
N ASN B 546 -26.35 8.06 4.33
CA ASN B 546 -25.25 7.11 4.24
C ASN B 546 -24.19 7.70 3.33
N LEU B 547 -23.21 8.41 3.89
CA LEU B 547 -22.31 9.24 3.11
C LEU B 547 -21.77 8.47 1.89
N VAL B 548 -21.21 7.28 2.12
CA VAL B 548 -20.47 6.61 1.08
C VAL B 548 -21.40 6.19 -0.07
N TYR B 549 -22.55 5.62 0.29
CA TYR B 549 -23.46 5.05 -0.68
C TYR B 549 -24.39 6.09 -1.31
N ASP B 550 -24.70 7.16 -0.57
CA ASP B 550 -25.50 8.25 -1.14
C ASP B 550 -24.79 8.86 -2.37
N ILE B 551 -23.47 9.12 -2.22
CA ILE B 551 -22.66 9.74 -3.26
C ILE B 551 -22.49 8.76 -4.44
N LYS B 552 -22.13 7.50 -4.16
CA LYS B 552 -22.08 6.45 -5.17
C LYS B 552 -23.40 6.34 -5.93
N ASN B 553 -24.52 6.23 -5.20
CA ASN B 553 -25.83 6.08 -5.85
C ASN B 553 -26.15 7.30 -6.71
N TYR B 554 -25.82 8.50 -6.22
CA TYR B 554 -26.02 9.73 -6.99
C TYR B 554 -25.29 9.68 -8.35
N LEU B 555 -23.99 9.36 -8.34
CA LEU B 555 -23.15 9.27 -9.53
C LEU B 555 -23.66 8.20 -10.50
N GLU B 556 -24.10 7.05 -9.97
CA GLU B 556 -24.65 5.98 -10.78
C GLU B 556 -25.95 6.42 -11.45
N GLN B 557 -26.79 7.16 -10.71
CA GLN B 557 -28.00 7.70 -11.32
C GLN B 557 -27.62 8.65 -12.48
N ARG B 558 -26.59 9.49 -12.28
CA ARG B 558 -26.19 10.42 -13.34
C ARG B 558 -25.67 9.66 -14.57
N LEU B 559 -24.82 8.66 -14.33
CA LEU B 559 -24.32 7.84 -15.42
C LEU B 559 -25.49 7.20 -16.16
N ASN B 560 -26.46 6.66 -15.42
CA ASN B 560 -27.61 6.02 -16.06
C ASN B 560 -28.31 7.00 -17.00
N PHE B 561 -28.44 8.25 -16.54
CA PHE B 561 -29.08 9.29 -17.34
C PHE B 561 -28.25 9.59 -18.60
N LEU B 562 -26.95 9.79 -18.44
CA LEU B 562 -26.12 10.06 -19.60
C LEU B 562 -26.19 8.88 -20.58
N VAL B 563 -26.12 7.66 -20.04
CA VAL B 563 -26.08 6.47 -20.87
C VAL B 563 -27.42 6.30 -21.60
N LEU B 564 -28.54 6.61 -20.93
CA LEU B 564 -29.84 6.58 -21.58
C LEU B 564 -29.83 7.52 -22.78
N ASN B 565 -28.98 8.55 -22.73
CA ASN B 565 -29.02 9.58 -23.75
C ASN B 565 -27.91 9.33 -24.76
N GLY B 566 -27.33 8.13 -24.71
CA GLY B 566 -26.39 7.67 -25.71
C GLY B 566 -24.96 8.14 -25.48
N ILE B 567 -24.63 8.59 -24.27
CA ILE B 567 -23.23 8.83 -23.96
C ILE B 567 -22.59 7.46 -23.68
N PRO B 568 -21.54 7.06 -24.43
CA PRO B 568 -20.93 5.73 -24.23
C PRO B 568 -20.47 5.59 -22.77
N ARG B 569 -20.81 4.44 -22.16
CA ARG B 569 -20.53 4.14 -20.75
C ARG B 569 -19.04 4.31 -20.41
N TYR B 570 -18.15 3.90 -21.32
CA TYR B 570 -16.72 3.86 -21.07
C TYR B 570 -16.11 5.27 -21.15
N ARG B 571 -16.95 6.30 -21.39
CA ARG B 571 -16.44 7.67 -21.48
C ARG B 571 -16.85 8.52 -20.28
N ILE B 572 -17.40 7.90 -19.24
CA ILE B 572 -17.94 8.64 -18.11
C ILE B 572 -17.09 8.30 -16.88
N LEU B 573 -16.55 9.33 -16.21
CA LEU B 573 -15.72 9.13 -15.04
C LEU B 573 -16.43 9.70 -13.82
N PHE B 574 -16.16 9.10 -12.65
CA PHE B 574 -16.81 9.46 -11.40
C PHE B 574 -15.84 10.25 -10.54
N ASP B 575 -16.39 11.22 -9.80
CA ASP B 575 -15.62 12.02 -8.86
C ASP B 575 -16.49 12.26 -7.62
N ILE B 576 -15.98 11.90 -6.44
CA ILE B 576 -16.72 11.92 -5.19
C ILE B 576 -16.81 13.35 -4.64
N GLY B 577 -15.98 14.26 -5.19
CA GLY B 577 -15.98 15.67 -4.85
C GLY B 577 -15.46 15.97 -3.45
N LEU B 578 -14.19 15.63 -3.19
CA LEU B 578 -13.63 15.88 -1.86
C LEU B 578 -13.74 17.36 -1.52
N GLY B 579 -14.12 17.66 -0.27
CA GLY B 579 -14.19 19.05 0.17
C GLY B 579 -15.47 19.76 -0.29
N PHE B 580 -16.32 19.12 -1.10
CA PHE B 580 -17.52 19.80 -1.59
C PHE B 580 -18.74 19.31 -0.82
N ALA B 581 -19.16 20.11 0.17
CA ALA B 581 -20.17 19.70 1.13
C ALA B 581 -19.76 18.41 1.83
N LYS B 582 -18.49 18.35 2.26
CA LYS B 582 -18.06 17.29 3.17
C LYS B 582 -17.21 17.91 4.29
N LYS B 583 -17.49 17.54 5.55
CA LYS B 583 -16.57 17.81 6.64
C LYS B 583 -15.26 17.04 6.37
N HIS B 584 -14.18 17.49 7.01
CA HIS B 584 -12.86 16.91 6.84
C HIS B 584 -12.87 15.41 7.11
N ASP B 585 -13.53 14.98 8.19
CA ASP B 585 -13.69 13.57 8.50
C ASP B 585 -14.46 12.81 7.42
N GLN B 586 -15.35 13.52 6.69
CA GLN B 586 -16.15 12.89 5.65
C GLN B 586 -15.31 12.73 4.40
N SER B 587 -14.50 13.75 4.08
CA SER B 587 -13.55 13.66 2.99
C SER B 587 -12.65 12.43 3.21
N ILE B 588 -12.16 12.27 4.44
CA ILE B 588 -11.30 11.13 4.76
C ILE B 588 -12.07 9.83 4.59
N LYS B 589 -13.32 9.83 5.05
CA LYS B 589 -14.11 8.62 5.01
C LYS B 589 -14.35 8.20 3.57
N LEU B 590 -14.60 9.16 2.68
CA LEU B 590 -14.77 8.83 1.28
C LEU B 590 -13.51 8.15 0.73
N LEU B 591 -12.32 8.66 1.09
CA LEU B 591 -11.04 8.07 0.71
C LEU B 591 -10.90 6.66 1.31
N GLN B 592 -11.29 6.50 2.58
CA GLN B 592 -11.15 5.19 3.21
C GLN B 592 -11.99 4.15 2.47
N ASN B 593 -13.05 4.62 1.81
CA ASN B 593 -14.04 3.74 1.20
C ASN B 593 -14.03 3.83 -0.31
N ILE B 594 -12.87 4.18 -0.87
CA ILE B 594 -12.72 4.40 -2.30
C ILE B 594 -12.90 3.10 -3.07
N HIS B 595 -12.78 1.95 -2.40
CA HIS B 595 -12.89 0.65 -3.04
C HIS B 595 -14.25 0.48 -3.70
N VAL B 596 -15.26 1.24 -3.23
CA VAL B 596 -16.60 1.08 -3.80
C VAL B 596 -16.62 1.50 -5.26
N TYR B 597 -15.53 2.13 -5.78
CA TYR B 597 -15.41 2.56 -7.17
C TYR B 597 -14.51 1.64 -8.01
N ASP B 598 -14.28 0.41 -7.53
CA ASP B 598 -13.33 -0.51 -8.13
C ASP B 598 -13.76 -0.91 -9.54
N GLU B 599 -15.06 -0.78 -9.85
CA GLU B 599 -15.58 -1.11 -11.16
C GLU B 599 -15.64 0.11 -12.08
N TYR B 600 -15.31 1.31 -11.59
CA TYR B 600 -15.61 2.53 -12.32
C TYR B 600 -14.36 3.33 -12.58
N PRO B 601 -14.30 4.12 -13.69
CA PRO B 601 -13.19 5.05 -13.89
C PRO B 601 -13.36 6.13 -12.83
N LEU B 602 -12.30 6.35 -12.05
CA LEU B 602 -12.37 7.21 -10.88
C LEU B 602 -11.36 8.35 -11.05
N PHE B 603 -11.86 9.57 -10.85
CA PHE B 603 -11.16 10.84 -10.96
C PHE B 603 -11.34 11.55 -9.60
N ILE B 604 -10.26 11.91 -8.90
CA ILE B 604 -10.41 12.62 -7.63
C ILE B 604 -9.53 13.85 -7.59
N GLY B 605 -9.94 14.84 -6.75
CA GLY B 605 -9.16 16.03 -6.50
C GLY B 605 -9.05 16.35 -5.01
N TYR B 606 -7.88 16.08 -4.44
CA TYR B 606 -7.60 16.33 -3.03
C TYR B 606 -6.64 17.52 -2.89
N SER B 607 -6.06 17.95 -4.01
CA SER B 607 -4.88 18.80 -4.01
C SER B 607 -5.12 20.10 -3.25
N ARG B 608 -4.33 20.28 -2.19
CA ARG B 608 -4.23 21.51 -1.42
C ARG B 608 -5.54 21.83 -0.70
N LYS B 609 -6.38 20.83 -0.43
CA LYS B 609 -7.67 21.09 0.20
C LYS B 609 -7.50 21.08 1.72
N ARG B 610 -8.46 21.72 2.39
CA ARG B 610 -8.42 21.92 3.83
C ARG B 610 -8.35 20.60 4.60
N PHE B 611 -9.00 19.54 4.11
CA PHE B 611 -9.02 18.30 4.88
C PHE B 611 -7.61 17.72 5.05
N ILE B 612 -6.67 18.06 4.16
CA ILE B 612 -5.30 17.57 4.34
C ILE B 612 -4.68 18.13 5.62
N ALA B 613 -4.79 19.46 5.83
CA ALA B 613 -4.28 20.13 7.03
C ALA B 613 -4.88 19.55 8.30
N HIS B 614 -6.11 19.06 8.21
CA HIS B 614 -6.82 18.54 9.36
C HIS B 614 -6.21 17.21 9.79
N CYS B 615 -5.40 16.61 8.91
CA CYS B 615 -4.74 15.34 9.20
C CYS B 615 -3.48 15.55 10.05
N MET B 616 -2.91 16.76 10.05
CA MET B 616 -1.61 17.03 10.67
C MET B 616 -1.76 17.21 12.17
N ASN B 617 -0.82 16.62 12.93
CA ASN B 617 -0.58 16.96 14.31
C ASN B 617 0.37 18.17 14.38
N HIS B 645 14.49 23.21 3.96
CA HIS B 645 13.22 23.01 3.20
C HIS B 645 13.37 23.48 1.76
N ASN B 646 13.24 22.53 0.82
CA ASN B 646 13.02 22.81 -0.58
C ASN B 646 11.52 23.05 -0.79
N TRP B 647 11.11 24.32 -0.90
CA TRP B 647 9.71 24.71 -0.89
C TRP B 647 9.00 24.23 -2.15
N MET B 648 7.83 23.61 -1.94
CA MET B 648 7.05 23.08 -3.04
C MET B 648 5.91 24.03 -3.41
N PHE B 649 5.64 25.01 -2.54
CA PHE B 649 4.70 26.08 -2.87
C PHE B 649 5.47 27.27 -3.42
N GLN B 650 5.23 27.60 -4.70
CA GLN B 650 5.74 28.82 -5.32
C GLN B 650 4.85 29.99 -4.92
N MET B 651 5.35 30.84 -4.01
CA MET B 651 4.61 31.97 -3.47
C MET B 651 4.19 32.93 -4.58
N ASN B 652 2.94 33.38 -4.52
CA ASN B 652 2.41 34.40 -5.42
C ASN B 652 2.61 35.79 -4.82
N TYR B 653 2.39 35.87 -3.49
CA TYR B 653 2.82 36.98 -2.65
C TYR B 653 3.56 36.43 -1.44
N MET B 654 4.43 37.27 -0.85
CA MET B 654 5.25 36.88 0.28
C MET B 654 4.38 36.33 1.42
N ARG B 655 4.73 35.12 1.88
CA ARG B 655 4.02 34.53 3.01
C ARG B 655 4.94 34.55 4.23
N LYS B 656 4.33 34.51 5.42
CA LYS B 656 5.06 34.33 6.65
C LYS B 656 5.66 32.92 6.70
N ASP B 657 6.72 32.75 7.51
CA ASP B 657 7.36 31.48 7.77
C ASP B 657 6.35 30.42 8.21
N LYS B 658 5.49 30.77 9.17
CA LYS B 658 4.50 29.84 9.69
C LYS B 658 3.67 29.26 8.54
N ASP B 659 3.32 30.13 7.59
CA ASP B 659 2.39 29.78 6.52
C ASP B 659 3.09 28.94 5.45
N GLN B 660 4.34 29.30 5.12
CA GLN B 660 5.15 28.49 4.22
C GLN B 660 5.25 27.05 4.73
N LEU B 661 5.50 26.86 6.04
CA LEU B 661 5.57 25.53 6.64
C LEU B 661 4.25 24.80 6.43
N LEU B 662 3.13 25.49 6.66
CA LEU B 662 1.80 24.91 6.54
C LEU B 662 1.53 24.49 5.10
N TYR B 663 1.94 25.33 4.14
CA TYR B 663 1.78 25.03 2.73
C TYR B 663 2.60 23.79 2.36
N GLN B 664 3.85 23.74 2.85
CA GLN B 664 4.74 22.61 2.66
C GLN B 664 4.05 21.34 3.15
N LYS B 665 3.50 21.38 4.37
CA LYS B 665 2.85 20.21 4.95
C LYS B 665 1.67 19.79 4.08
N ASN B 666 0.92 20.78 3.60
CA ASN B 666 -0.27 20.51 2.81
C ASN B 666 0.10 19.82 1.49
N ILE B 667 1.13 20.32 0.79
CA ILE B 667 1.53 19.68 -0.45
C ILE B 667 2.12 18.29 -0.22
N CYS B 668 2.91 18.11 0.86
CA CYS B 668 3.43 16.80 1.21
C CYS B 668 2.30 15.87 1.68
N GLY B 669 1.35 16.41 2.44
CA GLY B 669 0.18 15.62 2.80
C GLY B 669 -0.53 15.07 1.56
N GLY B 670 -0.63 15.88 0.50
CA GLY B 670 -1.29 15.38 -0.70
C GLY B 670 -0.47 14.33 -1.44
N LEU B 671 0.88 14.39 -1.34
CA LEU B 671 1.70 13.34 -1.96
C LEU B 671 1.45 12.00 -1.26
N ALA B 672 1.13 12.06 0.03
CA ALA B 672 0.65 10.88 0.75
C ALA B 672 -0.63 10.33 0.10
N ILE B 673 -1.55 11.22 -0.31
CA ILE B 673 -2.79 10.78 -0.94
C ILE B 673 -2.52 10.30 -2.36
N ALA B 674 -1.51 10.88 -3.02
CA ALA B 674 -1.06 10.33 -4.30
C ALA B 674 -0.64 8.87 -4.16
N SER B 675 0.07 8.54 -3.06
CA SER B 675 0.56 7.19 -2.81
C SER B 675 -0.61 6.24 -2.59
N TYR B 676 -1.49 6.65 -1.66
CA TYR B 676 -2.71 5.94 -1.35
C TYR B 676 -3.49 5.68 -2.64
N SER B 677 -3.61 6.71 -3.49
CA SER B 677 -4.36 6.66 -4.74
C SER B 677 -3.74 5.66 -5.70
N TYR B 678 -2.41 5.68 -5.77
CA TYR B 678 -1.64 4.75 -6.57
C TYR B 678 -1.95 3.31 -6.14
N TYR B 679 -1.95 3.06 -4.82
CA TYR B 679 -2.20 1.69 -4.36
C TYR B 679 -3.66 1.29 -4.51
N LYS B 680 -4.57 2.27 -4.47
CA LYS B 680 -6.00 2.01 -4.62
C LYS B 680 -6.39 1.99 -6.10
N LYS B 681 -5.43 2.34 -6.97
CA LYS B 681 -5.59 2.25 -8.42
C LYS B 681 -6.57 3.30 -8.95
N VAL B 682 -6.66 4.45 -8.26
CA VAL B 682 -7.39 5.60 -8.74
C VAL B 682 -6.89 5.93 -10.15
N ASP B 683 -7.82 6.15 -11.09
CA ASP B 683 -7.49 6.34 -12.49
C ASP B 683 -6.92 7.72 -12.79
N LEU B 684 -7.43 8.78 -12.16
CA LEU B 684 -6.89 10.12 -12.41
C LEU B 684 -6.89 10.90 -11.10
N ILE B 685 -5.81 11.68 -10.90
CA ILE B 685 -5.73 12.57 -9.76
C ILE B 685 -5.44 13.98 -10.28
N ARG B 686 -6.14 14.95 -9.69
CA ARG B 686 -6.16 16.32 -10.16
C ARG B 686 -5.30 17.12 -9.19
N VAL B 687 -4.15 17.61 -9.67
CA VAL B 687 -3.15 18.12 -8.73
C VAL B 687 -2.58 19.46 -9.21
N HIS B 688 -2.18 20.30 -8.26
CA HIS B 688 -1.42 21.51 -8.58
C HIS B 688 0.07 21.20 -8.77
N ASP B 689 0.57 20.17 -8.09
CA ASP B 689 2.01 19.95 -7.95
C ASP B 689 2.39 18.74 -8.81
N VAL B 690 2.62 18.97 -10.11
CA VAL B 690 2.72 17.91 -11.09
C VAL B 690 4.08 17.20 -10.94
N LEU B 691 5.17 17.99 -10.81
CA LEU B 691 6.50 17.43 -10.74
C LEU B 691 6.60 16.56 -9.49
N GLU B 692 6.07 17.06 -8.37
CA GLU B 692 6.15 16.35 -7.11
C GLU B 692 5.39 15.02 -7.22
N THR B 693 4.17 15.06 -7.77
CA THR B 693 3.29 13.90 -7.85
C THR B 693 3.90 12.85 -8.77
N LYS B 694 4.41 13.29 -9.93
CA LYS B 694 5.04 12.38 -10.88
C LYS B 694 6.25 11.69 -10.26
N SER B 695 7.00 12.39 -9.41
CA SER B 695 8.19 11.82 -8.80
C SER B 695 7.77 10.67 -7.91
N VAL B 696 6.66 10.86 -7.18
CA VAL B 696 6.11 9.86 -6.29
C VAL B 696 5.63 8.66 -7.10
N LEU B 697 4.81 8.89 -8.13
CA LEU B 697 4.28 7.77 -8.89
C LEU B 697 5.40 6.99 -9.58
N ASP B 698 6.47 7.69 -10.00
CA ASP B 698 7.56 7.02 -10.71
C ASP B 698 8.25 6.01 -9.80
N VAL B 699 8.47 6.37 -8.53
CA VAL B 699 9.15 5.52 -7.57
C VAL B 699 8.23 4.38 -7.16
N LEU B 700 6.93 4.65 -6.95
CA LEU B 700 6.03 3.56 -6.57
C LEU B 700 5.91 2.55 -7.71
N THR B 701 5.87 3.04 -8.96
CA THR B 701 5.82 2.19 -10.14
C THR B 701 7.07 1.30 -10.23
N LYS B 702 8.25 1.88 -9.92
CA LYS B 702 9.50 1.14 -10.01
C LYS B 702 9.54 0.05 -8.95
N ILE B 703 9.12 0.37 -7.72
CA ILE B 703 9.12 -0.63 -6.67
C ILE B 703 8.18 -1.79 -7.06
N ASP B 704 7.10 -1.47 -7.79
CA ASP B 704 6.09 -2.46 -8.14
C ASP B 704 6.49 -3.33 -9.34
N GLN B 705 7.45 -2.90 -10.14
CA GLN B 705 7.81 -3.70 -11.31
C GLN B 705 8.85 -4.76 -10.91
N VAL B 706 8.35 -5.92 -10.48
CA VAL B 706 9.20 -7.03 -10.09
C VAL B 706 9.71 -7.70 -11.37
N LYS B 707 11.02 -8.00 -11.40
CA LYS B 707 11.58 -8.69 -12.55
C LYS B 707 10.99 -10.09 -12.68
N ASP B 708 11.01 -10.88 -11.58
CA ASP B 708 10.45 -12.22 -11.55
C ASP B 708 9.44 -12.37 -10.42
N PRO B 709 8.14 -12.66 -10.72
CA PRO B 709 7.10 -12.72 -9.69
C PRO B 709 7.11 -13.93 -8.74
N ASN B 710 8.05 -14.86 -8.92
CA ASN B 710 8.13 -15.97 -7.98
C ASN B 710 9.52 -16.03 -7.33
N SER B 711 10.36 -15.05 -7.67
CA SER B 711 11.74 -14.97 -7.20
C SER B 711 11.82 -14.97 -5.67
N SER B 712 10.88 -14.31 -5.00
CA SER B 712 10.97 -14.21 -3.55
C SER B 712 10.84 -15.56 -2.84
N SER B 713 10.01 -16.47 -3.37
CA SER B 713 9.90 -17.78 -2.75
C SER B 713 11.08 -18.68 -3.14
N VAL B 714 11.50 -18.55 -4.40
CA VAL B 714 12.64 -19.25 -4.99
C VAL B 714 13.93 -18.87 -4.28
N ASP B 715 14.16 -17.58 -4.06
CA ASP B 715 15.37 -17.08 -3.41
C ASP B 715 15.40 -17.52 -1.94
N LYS B 716 14.21 -17.53 -1.31
CA LYS B 716 14.05 -17.96 0.07
C LYS B 716 14.47 -19.42 0.23
N LEU B 717 13.86 -20.30 -0.59
CA LEU B 717 14.18 -21.72 -0.61
C LEU B 717 15.68 -21.92 -0.86
N ALA B 718 16.25 -21.16 -1.81
CA ALA B 718 17.67 -21.27 -2.12
C ALA B 718 18.52 -20.99 -0.87
N ALA B 719 18.12 -19.98 -0.08
CA ALA B 719 18.88 -19.57 1.09
C ALA B 719 18.76 -20.61 2.19
N ALA B 720 17.55 -21.17 2.35
CA ALA B 720 17.36 -22.22 3.32
C ALA B 720 18.19 -23.45 2.95
N LEU B 721 18.40 -23.69 1.65
CA LEU B 721 19.16 -24.85 1.22
C LEU B 721 20.66 -24.61 1.37
N GLU B 722 21.03 -23.35 1.65
CA GLU B 722 22.38 -22.90 1.97
C GLU B 722 23.34 -23.25 0.82
#